data_8HN7
#
_entry.id   8HN7
#
_cell.length_a   67.387
_cell.length_b   156.780
_cell.length_c   94.425
_cell.angle_alpha   90.000
_cell.angle_beta   104.740
_cell.angle_gamma   90.000
#
_symmetry.space_group_name_H-M   'P 1 21 1'
#
loop_
_entity.id
_entity.type
_entity.pdbx_description
1 polymer 'Light chain of monoclonal antibody 3C11'
2 polymer 'Heavy chain of monoclonal antibody 3C11'
3 polymer 'Spike protein S1'
4 non-polymer 2-acetamido-2-deoxy-beta-D-glucopyranose
#
loop_
_entity_poly.entity_id
_entity_poly.type
_entity_poly.pdbx_seq_one_letter_code
_entity_poly.pdbx_strand_id
1 'polypeptide(L)'
;SEIVLTQSPVSLSLSPGERATLSCRASQSVSSYLAWYQQKPGQAPRLFIYDASKRATGIPARFSGSGSGTDFTLTISSLE
PEDFAVYYCQQRSNWPRTFGQGTKVEIKRTVAAPSVFIFPPSDEQLKSGTASVVCLLNNFYPREAKVQWKVDNALQSGNS
QESVTEQDSKDSTYSLSSTLTLSKADYEKHKVYACEVTHQGLSSPVTKSFNRGE
;
A,C
2 'polypeptide(L)'
;EVQLVESGGGLVQPGGSLRLSCAASGFAFSTYEMNWVRQAPGKGLEWVSYIHNSGNPVYYADSVKGRFTISRDNAENSLY
LQMNSLRAEDTAIYYCARALRYSTSWYDYWGQGTLVTVSSASTKGPSVFPLAPSSKSTSGGTAALGCLVKDYFPEPVTVS
WNSGALTSGVHTFPAVLQSSGLYSLSSVVTVPSSSLGTQTYICNVNHKPSNTKVDKKVEPK
;
B,D
3 'polypeptide(L)'
;TNLCPFGEVFNATRFASVYAWNRKRISNCVADYSVLYNSASFSTFKCYGVSPTKLNDLCFTNVYADSFVIRGDEVRQIAP
GQTGKIADYNYKLPDDFTGCVIAWNSNNLDSKVGGNYNYLYRLFRKSNLKPFERDISTEIYQAGSTPCNGVEGFNCYFPL
QSYGFQPTNGVGYQPYRVVVLSFELLHAPATVCGP
;
E,F
#
loop_
_chem_comp.id
_chem_comp.type
_chem_comp.name
_chem_comp.formula
NAG D-saccharide, beta linking 2-acetamido-2-deoxy-beta-D-glucopyranose 'C8 H15 N O6'
#
# COMPACT_ATOMS: atom_id res chain seq x y z
N SER A 1 17.93 17.16 6.12
CA SER A 1 16.52 17.23 5.77
C SER A 1 15.71 16.16 6.50
N GLU A 2 14.62 16.60 7.14
CA GLU A 2 13.69 15.70 7.81
C GLU A 2 13.18 14.65 6.86
N ILE A 3 13.53 13.38 7.09
CA ILE A 3 13.03 12.29 6.26
C ILE A 3 11.58 12.03 6.66
N VAL A 4 10.65 12.38 5.79
CA VAL A 4 9.23 12.25 6.08
C VAL A 4 8.78 10.85 5.70
N LEU A 5 8.23 10.13 6.66
CA LEU A 5 7.66 8.80 6.43
C LEU A 5 6.14 8.93 6.43
N THR A 6 5.53 8.66 5.29
CA THR A 6 4.09 8.77 5.11
C THR A 6 3.51 7.37 5.00
N GLN A 7 2.60 7.01 5.91
CA GLN A 7 2.07 5.62 5.92
C GLN A 7 0.79 5.52 5.10
N SER A 8 0.35 4.29 4.78
CA SER A 8 -0.89 4.08 4.00
C SER A 8 -1.51 2.73 4.39
N PRO A 9 -2.84 2.63 4.55
CA PRO A 9 -3.73 3.79 4.50
C PRO A 9 -3.86 4.48 5.87
N VAL A 10 -4.73 5.49 5.97
CA VAL A 10 -4.94 6.14 7.26
C VAL A 10 -5.63 5.17 8.23
N SER A 11 -6.64 4.45 7.75
CA SER A 11 -7.37 3.49 8.57
C SER A 11 -7.59 2.22 7.76
N LEU A 12 -7.76 1.10 8.46
CA LEU A 12 -7.96 -0.19 7.82
C LEU A 12 -8.92 -1.01 8.65
N SER A 13 -10.03 -1.44 8.05
CA SER A 13 -11.05 -2.24 8.72
C SER A 13 -11.10 -3.62 8.07
N LEU A 14 -10.70 -4.65 8.80
CA LEU A 14 -10.69 -6.01 8.30
C LEU A 14 -11.25 -6.96 9.34
N SER A 15 -11.80 -8.07 8.86
CA SER A 15 -12.29 -9.12 9.75
C SER A 15 -11.13 -9.99 10.24
N PRO A 16 -11.28 -10.64 11.39
CA PRO A 16 -10.23 -11.54 11.87
C PRO A 16 -10.00 -12.67 10.88
N GLY A 17 -8.74 -13.08 10.76
CA GLY A 17 -8.34 -14.09 9.79
C GLY A 17 -8.02 -13.57 8.42
N GLU A 18 -8.17 -12.26 8.18
CA GLU A 18 -7.90 -11.66 6.89
C GLU A 18 -6.44 -11.22 6.78
N ARG A 19 -5.97 -11.13 5.54
CA ARG A 19 -4.62 -10.68 5.26
C ARG A 19 -4.58 -9.16 5.24
N ALA A 20 -3.51 -8.59 5.81
CA ALA A 20 -3.38 -7.14 5.95
C ALA A 20 -2.03 -6.69 5.43
N THR A 21 -2.03 -5.61 4.66
CA THR A 21 -0.80 -5.01 4.13
C THR A 21 -0.83 -3.52 4.42
N LEU A 22 0.29 -2.99 4.93
CA LEU A 22 0.42 -1.59 5.31
C LEU A 22 1.61 -0.98 4.58
N SER A 23 1.48 0.29 4.22
CA SER A 23 2.49 1.00 3.42
C SER A 23 3.20 2.06 4.26
N CYS A 24 4.45 2.31 3.91
CA CYS A 24 5.25 3.36 4.54
C CYS A 24 6.26 3.85 3.51
N ARG A 25 6.07 5.07 3.02
CA ARG A 25 6.88 5.64 1.96
C ARG A 25 7.78 6.73 2.54
N ALA A 26 9.07 6.64 2.23
CA ALA A 26 10.06 7.61 2.71
C ALA A 26 10.30 8.69 1.66
N SER A 27 10.57 9.90 2.14
CA SER A 27 10.83 11.02 1.24
C SER A 27 12.10 10.80 0.43
N GLN A 28 13.13 10.21 1.05
CA GLN A 28 14.37 9.89 0.36
C GLN A 28 14.85 8.52 0.83
N SER A 29 15.87 8.00 0.15
CA SER A 29 16.32 6.63 0.36
C SER A 29 16.81 6.40 1.79
N VAL A 30 16.21 5.40 2.45
CA VAL A 30 16.63 5.03 3.83
C VAL A 30 17.33 3.68 3.72
N SER A 31 17.44 3.16 2.49
CA SER A 31 18.10 1.86 2.26
C SER A 31 17.33 0.74 2.96
N SER A 32 17.73 0.38 4.18
CA SER A 32 17.09 -0.72 4.89
C SER A 32 16.84 -0.39 6.35
N TYR A 33 17.10 0.85 6.75
CA TYR A 33 16.98 1.28 8.14
C TYR A 33 15.54 1.69 8.42
N LEU A 34 14.68 0.67 8.55
CA LEU A 34 13.27 0.92 8.85
C LEU A 34 12.71 -0.26 9.63
N ALA A 35 11.89 0.06 10.62
CA ALA A 35 11.27 -0.92 11.49
C ALA A 35 9.80 -0.60 11.68
N TRP A 36 9.06 -1.57 12.19
CA TRP A 36 7.63 -1.44 12.44
C TRP A 36 7.35 -1.66 13.92
N TYR A 37 6.49 -0.81 14.48
CA TYR A 37 6.05 -0.93 15.86
C TYR A 37 4.54 -1.14 15.91
N GLN A 38 4.08 -1.70 17.02
CA GLN A 38 2.65 -1.86 17.29
C GLN A 38 2.33 -1.22 18.62
N GLN A 39 1.23 -0.47 18.67
CA GLN A 39 0.81 0.21 19.89
C GLN A 39 -0.68 0.03 20.09
N LYS A 40 -1.06 -0.47 21.26
CA LYS A 40 -2.43 -0.57 21.74
C LYS A 40 -2.72 0.59 22.68
N PRO A 41 -3.98 1.03 22.77
CA PRO A 41 -4.29 2.22 23.57
C PRO A 41 -3.90 2.06 25.04
N GLY A 42 -3.42 3.14 25.63
CA GLY A 42 -2.96 3.12 27.00
C GLY A 42 -1.76 2.24 27.24
N GLN A 43 -0.85 2.15 26.27
CA GLN A 43 0.32 1.31 26.39
C GLN A 43 1.47 1.89 25.57
N ALA A 44 2.68 1.54 25.97
CA ALA A 44 3.87 1.90 25.21
C ALA A 44 3.99 1.02 23.96
N PRO A 45 4.65 1.50 22.93
CA PRO A 45 4.78 0.71 21.69
C PRO A 45 5.58 -0.57 21.91
N ARG A 46 5.55 -1.41 20.88
CA ARG A 46 6.13 -2.75 20.92
C ARG A 46 6.83 -3.01 19.59
N LEU A 47 8.14 -3.29 19.64
CA LEU A 47 8.89 -3.55 18.42
C LEU A 47 8.48 -4.88 17.81
N PHE A 48 8.16 -4.86 16.51
CA PHE A 48 7.74 -6.06 15.80
C PHE A 48 8.70 -6.45 14.68
N ILE A 49 8.99 -5.53 13.76
CA ILE A 49 9.89 -5.77 12.65
C ILE A 49 11.00 -4.73 12.74
N TYR A 50 12.23 -5.11 12.38
CA TYR A 50 13.33 -4.16 12.30
C TYR A 50 14.22 -4.51 11.12
N ASP A 51 14.90 -3.49 10.59
CA ASP A 51 15.68 -3.61 9.36
C ASP A 51 14.84 -4.07 8.19
N ALA A 52 13.53 -3.80 8.26
CA ALA A 52 12.56 -3.93 7.19
C ALA A 52 12.22 -5.37 6.85
N SER A 53 12.94 -6.35 7.40
CA SER A 53 12.56 -7.74 7.22
C SER A 53 12.72 -8.61 8.46
N LYS A 54 13.47 -8.20 9.47
CA LYS A 54 13.74 -9.05 10.62
C LYS A 54 12.70 -8.84 11.72
N ARG A 55 12.28 -9.94 12.32
CA ARG A 55 11.26 -9.91 13.37
C ARG A 55 11.91 -9.76 14.73
N ALA A 56 11.24 -9.00 15.61
CA ALA A 56 11.72 -8.86 16.98
C ALA A 56 11.42 -10.13 17.77
N THR A 57 11.93 -10.16 19.00
CA THR A 57 11.79 -11.35 19.83
C THR A 57 10.34 -11.56 20.24
N GLY A 58 9.86 -12.78 20.08
CA GLY A 58 8.50 -13.12 20.44
C GLY A 58 7.44 -12.71 19.44
N ILE A 59 7.82 -12.31 18.23
CA ILE A 59 6.86 -11.88 17.22
C ILE A 59 6.42 -13.10 16.39
N PRO A 60 5.13 -13.37 16.28
CA PRO A 60 4.68 -14.55 15.54
C PRO A 60 5.00 -14.46 14.06
N ALA A 61 5.01 -15.62 13.41
CA ALA A 61 5.44 -15.73 12.02
C ALA A 61 4.49 -15.02 11.04
N ARG A 62 3.22 -14.84 11.42
CA ARG A 62 2.27 -14.21 10.51
C ARG A 62 2.64 -12.77 10.19
N PHE A 63 3.46 -12.13 11.03
CA PHE A 63 3.99 -10.80 10.72
C PHE A 63 5.21 -10.92 9.82
N SER A 64 5.29 -10.03 8.82
CA SER A 64 6.42 -10.02 7.91
C SER A 64 6.55 -8.64 7.33
N GLY A 65 7.73 -8.35 6.79
CA GLY A 65 8.00 -7.08 6.17
C GLY A 65 9.03 -7.22 5.07
N SER A 66 8.93 -6.33 4.08
CA SER A 66 9.87 -6.29 2.98
C SER A 66 10.00 -4.85 2.52
N GLY A 67 10.80 -4.64 1.48
CA GLY A 67 10.98 -3.33 0.92
C GLY A 67 12.37 -2.77 1.19
N SER A 68 12.75 -1.79 0.38
CA SER A 68 14.03 -1.11 0.50
C SER A 68 13.92 0.22 -0.21
N GLY A 69 14.93 1.07 0.00
CA GLY A 69 14.92 2.38 -0.62
C GLY A 69 13.89 3.31 0.00
N THR A 70 12.81 3.57 -0.73
CA THR A 70 11.80 4.53 -0.28
C THR A 70 10.41 3.93 -0.09
N ASP A 71 10.22 2.63 -0.31
CA ASP A 71 8.91 2.01 -0.16
C ASP A 71 9.03 0.70 0.59
N PHE A 72 8.16 0.49 1.57
CA PHE A 72 8.22 -0.65 2.47
C PHE A 72 6.80 -1.11 2.79
N THR A 73 6.66 -2.42 3.00
CA THR A 73 5.36 -3.04 3.23
C THR A 73 5.42 -3.95 4.44
N LEU A 74 4.44 -3.81 5.34
CA LEU A 74 4.26 -4.72 6.46
C LEU A 74 3.05 -5.59 6.19
N THR A 75 3.20 -6.90 6.38
CA THR A 75 2.18 -7.87 6.03
C THR A 75 1.79 -8.72 7.23
N ILE A 76 0.50 -8.78 7.51
CA ILE A 76 -0.07 -9.73 8.47
C ILE A 76 -0.87 -10.74 7.66
N SER A 77 -0.37 -11.98 7.61
CA SER A 77 -0.98 -12.99 6.74
C SER A 77 -2.41 -13.31 7.16
N SER A 78 -2.65 -13.46 8.45
CA SER A 78 -3.97 -13.77 8.98
C SER A 78 -4.14 -13.03 10.30
N LEU A 79 -5.10 -12.11 10.36
CA LEU A 79 -5.25 -11.24 11.52
C LEU A 79 -5.88 -12.00 12.68
N GLU A 80 -5.13 -12.11 13.78
CA GLU A 80 -5.68 -12.54 15.05
C GLU A 80 -6.33 -11.35 15.77
N PRO A 81 -7.20 -11.62 16.74
CA PRO A 81 -7.83 -10.50 17.46
C PRO A 81 -6.85 -9.56 18.14
N GLU A 82 -5.69 -10.06 18.58
CA GLU A 82 -4.73 -9.22 19.28
C GLU A 82 -3.79 -8.47 18.34
N ASP A 83 -3.92 -8.64 17.01
CA ASP A 83 -3.13 -7.89 16.06
C ASP A 83 -3.78 -6.58 15.65
N PHE A 84 -4.98 -6.28 16.15
CA PHE A 84 -5.68 -5.05 15.80
C PHE A 84 -5.20 -3.93 16.71
N ALA A 85 -4.42 -3.01 16.16
CA ALA A 85 -3.84 -1.90 16.89
C ALA A 85 -3.32 -0.88 15.87
N VAL A 86 -2.57 0.10 16.36
CA VAL A 86 -1.94 1.11 15.51
C VAL A 86 -0.50 0.68 15.23
N TYR A 87 -0.04 0.90 14.00
CA TYR A 87 1.30 0.50 13.58
C TYR A 87 2.05 1.71 13.06
N TYR A 88 3.27 1.92 13.58
CA TYR A 88 4.14 3.01 13.17
C TYR A 88 5.40 2.45 12.54
N CYS A 89 5.96 3.20 11.58
CA CYS A 89 7.22 2.86 10.94
C CYS A 89 8.27 3.91 11.27
N GLN A 90 9.49 3.45 11.54
CA GLN A 90 10.57 4.30 12.04
C GLN A 90 11.86 4.02 11.31
N GLN A 91 12.61 5.08 11.01
CA GLN A 91 13.85 4.99 10.26
C GLN A 91 15.03 5.38 11.13
N ARG A 92 16.19 4.78 10.87
CA ARG A 92 17.43 5.14 11.57
C ARG A 92 18.56 5.50 10.61
N SER A 93 18.24 5.96 9.41
CA SER A 93 19.27 6.37 8.46
C SER A 93 19.68 7.83 8.61
N ASN A 94 18.91 8.59 9.39
CA ASN A 94 19.19 10.03 9.59
C ASN A 94 18.60 10.50 10.92
N TRP A 95 19.46 11.10 11.73
CA TRP A 95 18.93 11.73 12.95
C TRP A 95 18.13 12.93 12.47
N PRO A 96 16.81 12.97 12.65
CA PRO A 96 16.11 12.30 13.75
C PRO A 96 15.31 11.02 13.44
N ARG A 97 15.20 10.05 14.36
CA ARG A 97 14.49 8.79 14.05
C ARG A 97 13.01 9.12 13.82
N THR A 98 12.68 9.68 12.66
CA THR A 98 11.33 10.11 12.39
C THR A 98 10.42 8.89 12.31
N PHE A 99 9.15 9.10 12.65
CA PHE A 99 8.14 8.07 12.58
C PHE A 99 7.11 8.43 11.51
N GLY A 100 6.37 7.41 11.07
CA GLY A 100 5.15 7.65 10.36
C GLY A 100 4.07 8.12 11.32
N GLN A 101 2.96 8.61 10.75
CA GLN A 101 1.88 9.14 11.55
C GLN A 101 0.83 8.10 11.90
N GLY A 102 1.09 6.83 11.64
CA GLY A 102 0.24 5.76 12.13
C GLY A 102 -0.76 5.20 11.15
N THR A 103 -0.90 3.88 11.14
CA THR A 103 -1.98 3.19 10.44
C THR A 103 -2.75 2.37 11.46
N LYS A 104 -4.04 2.66 11.59
CA LYS A 104 -4.87 2.07 12.64
C LYS A 104 -5.74 0.97 12.04
N VAL A 105 -5.64 -0.23 12.61
CA VAL A 105 -6.34 -1.41 12.10
C VAL A 105 -7.48 -1.71 13.07
N GLU A 106 -8.71 -1.46 12.63
CA GLU A 106 -9.90 -1.72 13.43
C GLU A 106 -10.62 -2.96 12.92
N ILE A 107 -11.49 -3.50 13.75
CA ILE A 107 -12.18 -4.75 13.45
C ILE A 107 -13.38 -4.45 12.56
N LYS A 108 -13.45 -5.10 11.40
CA LYS A 108 -14.64 -5.02 10.57
C LYS A 108 -15.77 -5.84 11.20
N ARG A 109 -16.99 -5.33 11.10
CA ARG A 109 -18.09 -5.89 11.85
C ARG A 109 -19.40 -5.68 11.08
N THR A 110 -20.47 -6.29 11.60
CA THR A 110 -21.80 -6.04 11.08
C THR A 110 -22.33 -4.71 11.63
N VAL A 111 -23.34 -4.17 10.96
CA VAL A 111 -23.90 -2.87 11.29
C VAL A 111 -24.75 -2.99 12.55
N ALA A 112 -24.67 -1.98 13.41
CA ALA A 112 -25.46 -1.96 14.64
C ALA A 112 -25.81 -0.52 14.99
N ALA A 113 -27.11 -0.23 15.09
CA ALA A 113 -27.55 1.07 15.55
C ALA A 113 -27.27 1.21 17.06
N PRO A 114 -27.00 2.42 17.52
CA PRO A 114 -26.71 2.61 18.95
C PRO A 114 -27.98 2.75 19.78
N SER A 115 -27.80 2.62 21.09
CA SER A 115 -28.84 2.95 22.06
C SER A 115 -28.61 4.37 22.54
N VAL A 116 -29.66 5.19 22.49
CA VAL A 116 -29.55 6.62 22.69
C VAL A 116 -30.17 6.99 24.02
N PHE A 117 -29.44 7.78 24.82
CA PHE A 117 -29.90 8.25 26.11
C PHE A 117 -29.51 9.71 26.28
N ILE A 118 -30.45 10.51 26.77
CA ILE A 118 -30.20 11.91 27.10
C ILE A 118 -30.25 12.07 28.61
N PHE A 119 -29.38 12.92 29.15
CA PHE A 119 -29.26 13.11 30.59
C PHE A 119 -29.44 14.58 30.93
N PRO A 120 -30.45 14.95 31.70
CA PRO A 120 -30.60 16.35 32.13
C PRO A 120 -29.54 16.72 33.14
N PRO A 121 -29.25 18.01 33.31
CA PRO A 121 -28.28 18.42 34.32
C PRO A 121 -28.74 18.07 35.72
N SER A 122 -27.78 17.77 36.59
CA SER A 122 -28.09 17.48 37.98
C SER A 122 -28.48 18.76 38.71
N ASP A 123 -29.31 18.60 39.75
CA ASP A 123 -29.68 19.73 40.59
C ASP A 123 -28.46 20.32 41.28
N GLU A 124 -27.52 19.46 41.68
CA GLU A 124 -26.32 19.93 42.37
C GLU A 124 -25.48 20.83 41.46
N GLN A 125 -25.36 20.47 40.18
CA GLN A 125 -24.60 21.32 39.26
C GLN A 125 -25.31 22.66 39.02
N LEU A 126 -26.63 22.68 39.11
CA LEU A 126 -27.36 23.93 38.95
C LEU A 126 -27.26 24.84 40.16
N LYS A 127 -26.82 24.32 41.31
CA LYS A 127 -26.41 25.21 42.40
C LYS A 127 -25.14 25.95 42.05
N SER A 128 -24.39 25.47 41.07
CA SER A 128 -23.33 26.24 40.42
C SER A 128 -23.93 27.03 39.26
N GLY A 129 -23.09 27.85 38.64
CA GLY A 129 -23.56 28.71 37.56
C GLY A 129 -23.51 28.08 36.19
N THR A 130 -23.50 26.74 36.13
CA THR A 130 -23.34 26.01 34.89
C THR A 130 -24.35 24.88 34.80
N ALA A 131 -24.63 24.48 33.56
CA ALA A 131 -25.54 23.38 33.26
C ALA A 131 -24.97 22.58 32.11
N SER A 132 -24.83 21.28 32.36
CA SER A 132 -24.31 20.35 31.38
C SER A 132 -25.37 19.32 31.02
N VAL A 133 -25.62 19.15 29.72
CA VAL A 133 -26.56 18.17 29.15
C VAL A 133 -25.83 17.12 28.34
N VAL A 134 -26.02 15.85 28.68
CA VAL A 134 -25.19 14.79 28.14
C VAL A 134 -26.04 13.84 27.32
N CYS A 135 -25.63 13.62 26.08
CA CYS A 135 -26.24 12.64 25.17
C CYS A 135 -25.29 11.44 25.03
N LEU A 136 -25.84 10.24 25.15
CA LEU A 136 -25.05 9.02 25.10
C LEU A 136 -25.44 8.21 23.86
N LEU A 137 -24.44 7.92 23.03
CA LEU A 137 -24.57 6.97 21.93
C LEU A 137 -23.79 5.71 22.32
N ASN A 138 -24.49 4.59 22.44
CA ASN A 138 -23.94 3.40 23.10
C ASN A 138 -23.91 2.24 22.12
N ASN A 139 -22.70 1.71 21.90
CA ASN A 139 -22.49 0.42 21.24
C ASN A 139 -23.05 0.39 19.82
N PHE A 140 -22.36 1.16 18.97
CA PHE A 140 -22.73 1.20 17.54
C PHE A 140 -21.45 0.83 16.78
N TYR A 141 -21.56 0.12 15.66
CA TYR A 141 -20.30 -0.29 14.99
C TYR A 141 -19.76 0.87 14.17
N PRO A 142 -20.40 1.30 13.08
CA PRO A 142 -19.78 2.32 12.27
C PRO A 142 -19.40 3.50 13.18
N ARG A 143 -18.12 3.81 13.28
CA ARG A 143 -17.64 4.92 14.09
C ARG A 143 -18.18 6.26 13.59
N GLU A 144 -18.68 6.32 12.36
CA GLU A 144 -19.18 7.55 11.78
C GLU A 144 -20.63 7.74 12.21
N ALA A 145 -20.85 8.65 13.15
CA ALA A 145 -22.19 8.99 13.61
C ALA A 145 -22.30 10.51 13.72
N LYS A 146 -23.51 11.01 13.51
CA LYS A 146 -23.78 12.44 13.56
C LYS A 146 -24.72 12.73 14.73
N VAL A 147 -24.36 13.75 15.52
CA VAL A 147 -25.12 14.13 16.70
C VAL A 147 -25.43 15.62 16.62
N GLN A 148 -26.71 15.98 16.64
CA GLN A 148 -27.13 17.36 16.67
C GLN A 148 -28.03 17.61 17.86
N TRP A 149 -27.67 18.62 18.66
CA TRP A 149 -28.49 19.07 19.77
C TRP A 149 -29.59 20.00 19.28
N LYS A 150 -30.68 20.06 20.03
CA LYS A 150 -31.77 20.96 19.70
C LYS A 150 -32.39 21.53 20.97
N VAL A 151 -32.44 22.86 21.04
CA VAL A 151 -33.00 23.58 22.16
C VAL A 151 -34.18 24.40 21.63
N ASP A 152 -35.39 24.03 22.05
CA ASP A 152 -36.62 24.54 21.46
C ASP A 152 -36.62 24.33 19.94
N ASN A 153 -36.10 23.17 19.51
CA ASN A 153 -36.05 22.78 18.11
C ASN A 153 -35.31 23.81 17.26
N ALA A 154 -34.19 24.32 17.79
CA ALA A 154 -33.29 25.22 17.06
C ALA A 154 -31.87 24.78 17.43
N LEU A 155 -31.26 23.97 16.56
CA LEU A 155 -29.96 23.38 16.84
C LEU A 155 -28.89 24.45 17.04
N GLN A 156 -27.89 24.14 17.86
CA GLN A 156 -26.75 25.02 18.04
C GLN A 156 -25.51 24.39 17.41
N SER A 157 -24.44 25.20 17.34
CA SER A 157 -23.10 24.68 17.10
C SER A 157 -22.13 25.41 18.03
N GLY A 158 -21.11 24.68 18.46
CA GLY A 158 -20.08 25.27 19.32
C GLY A 158 -20.15 24.89 20.78
N ASN A 159 -21.35 24.75 21.34
CA ASN A 159 -21.53 24.41 22.74
C ASN A 159 -21.57 22.90 23.01
N SER A 160 -21.62 22.07 21.98
CA SER A 160 -21.45 20.64 22.17
C SER A 160 -19.98 20.26 22.04
N GLN A 161 -19.64 19.07 22.54
CA GLN A 161 -18.26 18.61 22.45
C GLN A 161 -18.20 17.09 22.61
N GLU A 162 -17.67 16.39 21.60
CA GLU A 162 -17.82 14.95 21.53
C GLU A 162 -16.63 14.21 22.12
N SER A 163 -16.80 12.90 22.30
CA SER A 163 -15.75 12.02 22.78
C SER A 163 -16.12 10.58 22.41
N VAL A 164 -15.18 9.86 21.81
CA VAL A 164 -15.44 8.52 21.28
C VAL A 164 -14.48 7.53 21.95
N THR A 165 -15.03 6.41 22.40
CA THR A 165 -14.21 5.35 22.97
C THR A 165 -13.48 4.58 21.89
N GLU A 166 -12.46 3.84 22.30
CA GLU A 166 -11.83 2.88 21.41
C GLU A 166 -12.79 1.73 21.12
N GLN A 167 -12.51 1.01 20.03
CA GLN A 167 -13.33 -0.15 19.69
C GLN A 167 -13.33 -1.13 20.84
N ASP A 168 -14.51 -1.33 21.43
CA ASP A 168 -14.63 -2.21 22.59
C ASP A 168 -14.11 -3.60 22.25
N SER A 169 -13.29 -4.15 23.14
CA SER A 169 -12.65 -5.44 22.87
C SER A 169 -13.68 -6.55 22.70
N LYS A 170 -14.90 -6.36 23.19
CA LYS A 170 -15.84 -7.48 23.24
C LYS A 170 -16.80 -7.49 22.05
N ASP A 171 -17.64 -6.48 21.93
CA ASP A 171 -18.60 -6.43 20.83
C ASP A 171 -18.08 -5.61 19.65
N SER A 172 -16.84 -5.13 19.72
CA SER A 172 -16.20 -4.40 18.62
C SER A 172 -17.05 -3.20 18.21
N THR A 173 -17.62 -2.51 19.19
CA THR A 173 -18.45 -1.34 18.97
C THR A 173 -17.76 -0.10 19.50
N TYR A 174 -18.30 1.06 19.13
CA TYR A 174 -17.84 2.35 19.62
C TYR A 174 -18.98 3.02 20.37
N SER A 175 -18.61 3.79 21.40
CA SER A 175 -19.57 4.54 22.20
C SER A 175 -19.17 6.01 22.19
N LEU A 176 -20.14 6.89 22.00
CA LEU A 176 -19.90 8.32 21.88
C LEU A 176 -20.72 9.06 22.94
N SER A 177 -20.14 10.15 23.44
CA SER A 177 -20.83 11.04 24.37
C SER A 177 -20.65 12.47 23.89
N SER A 178 -21.77 13.17 23.68
CA SER A 178 -21.77 14.59 23.35
C SER A 178 -22.32 15.37 24.53
N THR A 179 -21.64 16.46 24.89
CA THR A 179 -21.94 17.19 26.11
C THR A 179 -22.28 18.63 25.76
N LEU A 180 -23.54 19.00 25.96
CA LEU A 180 -24.01 20.36 25.73
C LEU A 180 -23.96 21.11 27.07
N THR A 181 -22.98 22.01 27.21
CA THR A 181 -22.79 22.76 28.43
C THR A 181 -23.36 24.17 28.25
N LEU A 182 -24.24 24.56 29.17
CA LEU A 182 -24.92 25.84 29.12
C LEU A 182 -24.85 26.50 30.49
N SER A 183 -24.93 27.83 30.49
CA SER A 183 -25.05 28.54 31.76
C SER A 183 -26.43 28.30 32.37
N LYS A 184 -26.53 28.42 33.69
CA LYS A 184 -27.80 28.20 34.36
C LYS A 184 -28.85 29.20 33.88
N ALA A 185 -28.44 30.45 33.67
CA ALA A 185 -29.39 31.47 33.21
C ALA A 185 -29.96 31.11 31.85
N ASP A 186 -29.11 30.67 30.91
CA ASP A 186 -29.61 30.30 29.59
C ASP A 186 -30.33 28.96 29.61
N TYR A 187 -29.96 28.06 30.51
CA TYR A 187 -30.66 26.78 30.61
C TYR A 187 -32.11 26.99 31.05
N GLU A 188 -32.32 27.85 32.04
CA GLU A 188 -33.68 28.23 32.45
C GLU A 188 -34.18 29.42 31.65
N LYS A 189 -34.00 29.31 30.33
CA LYS A 189 -34.59 30.22 29.37
C LYS A 189 -35.31 29.45 28.27
N HIS A 190 -35.11 28.14 28.20
CA HIS A 190 -35.72 27.28 27.21
C HIS A 190 -36.32 26.06 27.89
N LYS A 191 -37.00 25.26 27.09
CA LYS A 191 -38.08 24.40 27.56
C LYS A 191 -37.84 22.92 27.30
N VAL A 192 -37.54 22.54 26.06
CA VAL A 192 -37.36 21.14 25.66
C VAL A 192 -35.95 20.97 25.12
N TYR A 193 -35.26 19.93 25.58
CA TYR A 193 -33.90 19.63 25.17
C TYR A 193 -33.89 18.25 24.51
N ALA A 194 -33.36 18.17 23.30
CA ALA A 194 -33.43 16.94 22.52
C ALA A 194 -32.10 16.70 21.83
N CYS A 195 -31.86 15.44 21.49
CA CYS A 195 -30.60 15.00 20.89
C CYS A 195 -30.92 14.12 19.68
N GLU A 196 -30.68 14.64 18.47
CA GLU A 196 -30.94 13.90 17.25
C GLU A 196 -29.68 13.14 16.83
N VAL A 197 -29.85 11.86 16.51
CA VAL A 197 -28.73 10.96 16.21
C VAL A 197 -28.95 10.35 14.84
N THR A 198 -27.99 10.55 13.94
CA THR A 198 -28.01 9.95 12.61
C THR A 198 -26.94 8.87 12.53
N HIS A 199 -27.27 7.77 11.85
CA HIS A 199 -26.35 6.64 11.78
C HIS A 199 -26.73 5.75 10.60
N GLN A 200 -25.77 4.93 10.18
CA GLN A 200 -26.04 3.95 9.13
C GLN A 200 -27.06 2.92 9.59
N GLY A 201 -26.96 2.48 10.84
CA GLY A 201 -27.91 1.52 11.37
C GLY A 201 -29.28 2.06 11.66
N LEU A 202 -29.50 3.36 11.45
CA LEU A 202 -30.78 4.00 11.72
C LEU A 202 -31.41 4.40 10.39
N SER A 203 -32.59 3.86 10.11
CA SER A 203 -33.35 4.22 8.92
C SER A 203 -34.12 5.53 9.11
N SER A 204 -33.94 6.19 10.24
CA SER A 204 -34.49 7.50 10.55
C SER A 204 -33.75 8.08 11.74
N PRO A 205 -33.29 9.33 11.65
CA PRO A 205 -32.54 9.91 12.77
C PRO A 205 -33.36 9.90 14.05
N VAL A 206 -32.87 9.14 15.03
CA VAL A 206 -33.58 8.95 16.28
C VAL A 206 -33.25 10.09 17.23
N THR A 207 -34.28 10.64 17.86
CA THR A 207 -34.15 11.70 18.86
C THR A 207 -34.66 11.21 20.20
N LYS A 208 -33.95 11.57 21.26
CA LYS A 208 -34.42 11.40 22.63
C LYS A 208 -34.55 12.76 23.30
N SER A 209 -35.64 12.93 24.04
CA SER A 209 -36.01 14.25 24.55
C SER A 209 -36.37 14.16 26.03
N PHE A 210 -36.21 15.30 26.71
CA PHE A 210 -36.75 15.49 28.03
C PHE A 210 -37.20 16.93 28.15
N ASN A 211 -38.04 17.20 29.15
CA ASN A 211 -38.50 18.55 29.43
C ASN A 211 -37.90 19.03 30.75
N ARG A 212 -37.67 20.35 30.82
CA ARG A 212 -36.86 20.92 31.88
C ARG A 212 -37.39 20.55 33.26
N GLY A 213 -38.69 20.70 33.48
CA GLY A 213 -39.29 20.42 34.77
C GLY A 213 -39.81 19.01 34.91
N GLU A 214 -39.02 18.03 34.47
CA GLU A 214 -39.38 16.62 34.54
C GLU A 214 -40.65 16.35 33.75
N GLU B 1 13.57 -9.55 36.51
CA GLU B 1 12.58 -8.93 35.64
C GLU B 1 13.05 -7.57 35.15
N VAL B 2 13.15 -7.41 33.82
CA VAL B 2 13.57 -6.13 33.26
C VAL B 2 12.53 -5.07 33.55
N GLN B 3 12.98 -3.93 34.04
CA GLN B 3 12.12 -2.87 34.54
C GLN B 3 12.58 -1.55 33.92
N LEU B 4 11.64 -0.64 33.71
CA LEU B 4 11.98 0.74 33.33
C LEU B 4 10.92 1.66 33.94
N VAL B 5 11.31 2.44 34.94
CA VAL B 5 10.38 3.28 35.69
C VAL B 5 10.78 4.74 35.44
N GLU B 6 9.95 5.46 34.67
CA GLU B 6 10.09 6.89 34.56
C GLU B 6 9.36 7.58 35.69
N SER B 7 9.86 8.76 36.07
CA SER B 7 9.25 9.55 37.14
C SER B 7 9.69 11.00 36.97
N GLY B 8 9.18 11.84 37.86
CA GLY B 8 9.53 13.25 37.84
C GLY B 8 8.70 14.12 36.93
N GLY B 9 7.64 13.58 36.33
CA GLY B 9 6.77 14.36 35.48
C GLY B 9 5.88 15.27 36.29
N GLY B 10 4.77 15.65 35.67
CA GLY B 10 3.78 16.51 36.28
C GLY B 10 3.57 17.82 35.56
N LEU B 11 2.96 18.76 36.28
CA LEU B 11 2.65 20.08 35.75
C LEU B 11 3.87 20.99 35.82
N VAL B 12 4.00 21.85 34.81
CA VAL B 12 4.95 22.96 34.79
C VAL B 12 4.32 24.16 34.11
N GLN B 13 4.53 25.33 34.69
CA GLN B 13 4.13 26.58 34.07
C GLN B 13 4.90 26.77 32.77
N PRO B 14 4.26 27.28 31.71
CA PRO B 14 4.97 27.46 30.43
C PRO B 14 6.17 28.38 30.59
N GLY B 15 7.32 27.91 30.12
CA GLY B 15 8.57 28.61 30.31
C GLY B 15 9.42 28.11 31.46
N GLY B 16 8.89 27.19 32.27
CA GLY B 16 9.62 26.61 33.39
C GLY B 16 10.57 25.51 32.97
N SER B 17 10.73 24.49 33.82
CA SER B 17 11.65 23.39 33.52
C SER B 17 11.27 22.16 34.32
N LEU B 18 11.72 21.00 33.83
CA LEU B 18 11.65 19.75 34.58
C LEU B 18 12.90 18.91 34.34
N ARG B 19 13.01 17.87 35.16
CA ARG B 19 13.99 16.81 35.01
C ARG B 19 13.28 15.48 35.18
N LEU B 20 13.42 14.60 34.19
CA LEU B 20 12.87 13.26 34.26
C LEU B 20 13.97 12.27 34.58
N SER B 21 13.60 11.18 35.25
CA SER B 21 14.55 10.14 35.64
C SER B 21 14.00 8.78 35.26
N CYS B 22 14.90 7.90 34.85
CA CYS B 22 14.58 6.53 34.46
C CYS B 22 15.35 5.56 35.34
N ALA B 23 14.64 4.62 35.96
CA ALA B 23 15.25 3.63 36.85
C ALA B 23 15.28 2.28 36.13
N ALA B 24 16.46 1.87 35.68
CA ALA B 24 16.62 0.59 35.01
C ALA B 24 17.01 -0.48 36.01
N SER B 25 16.52 -1.70 35.75
CA SER B 25 16.86 -2.86 36.57
C SER B 25 16.50 -4.12 35.81
N GLY B 26 17.30 -5.16 35.98
CA GLY B 26 17.08 -6.43 35.32
C GLY B 26 17.97 -6.69 34.12
N PHE B 27 18.87 -5.78 33.78
CA PHE B 27 19.72 -5.94 32.60
C PHE B 27 20.96 -5.06 32.77
N ALA B 28 21.95 -5.32 31.92
CA ALA B 28 23.20 -4.55 31.91
C ALA B 28 22.91 -3.22 31.24
N PHE B 29 22.44 -2.26 32.05
CA PHE B 29 22.09 -0.94 31.54
C PHE B 29 23.30 -0.22 30.94
N SER B 30 24.51 -0.57 31.40
CA SER B 30 25.71 0.12 30.94
C SER B 30 26.10 -0.27 29.52
N THR B 31 25.57 -1.37 28.99
CA THR B 31 25.90 -1.84 27.66
C THR B 31 24.86 -1.45 26.60
N TYR B 32 23.83 -0.71 26.99
CA TYR B 32 22.71 -0.40 26.11
C TYR B 32 22.72 1.07 25.73
N GLU B 33 22.26 1.34 24.50
CA GLU B 33 21.92 2.71 24.11
C GLU B 33 20.54 3.06 24.65
N MET B 34 20.36 4.32 25.01
CA MET B 34 19.13 4.77 25.63
C MET B 34 18.56 5.94 24.86
N ASN B 35 17.23 6.09 24.92
CA ASN B 35 16.53 7.10 24.15
C ASN B 35 15.34 7.58 24.95
N TRP B 36 14.83 8.76 24.57
CA TRP B 36 13.58 9.30 25.05
C TRP B 36 12.63 9.50 23.88
N VAL B 37 11.38 9.09 24.06
CA VAL B 37 10.36 9.20 23.02
C VAL B 37 9.10 9.79 23.66
N ARG B 38 8.59 10.87 23.09
CA ARG B 38 7.35 11.47 23.54
C ARG B 38 6.18 10.99 22.68
N GLN B 39 4.98 11.17 23.22
CA GLN B 39 3.76 11.00 22.45
C GLN B 39 2.70 11.95 23.01
N ALA B 40 2.34 12.95 22.22
CA ALA B 40 1.29 13.87 22.62
C ALA B 40 -0.04 13.11 22.68
N PRO B 41 -0.97 13.57 23.53
CA PRO B 41 -2.25 12.84 23.69
C PRO B 41 -3.00 12.74 22.37
N GLY B 42 -3.31 11.50 21.98
CA GLY B 42 -4.03 11.25 20.75
C GLY B 42 -3.22 11.42 19.48
N LYS B 43 -1.90 11.52 19.59
CA LYS B 43 -1.06 11.76 18.41
C LYS B 43 0.02 10.71 18.27
N GLY B 44 0.95 10.92 17.33
CA GLY B 44 1.94 9.92 16.99
C GLY B 44 3.18 9.97 17.87
N LEU B 45 4.13 9.10 17.54
CA LEU B 45 5.38 8.98 18.26
C LEU B 45 6.42 9.95 17.72
N GLU B 46 7.14 10.61 18.63
CA GLU B 46 8.22 11.51 18.25
C GLU B 46 9.45 11.20 19.10
N TRP B 47 10.57 10.95 18.43
CA TRP B 47 11.83 10.68 19.11
C TRP B 47 12.41 11.97 19.67
N VAL B 48 12.84 11.93 20.93
CA VAL B 48 13.27 13.15 21.63
C VAL B 48 14.79 13.26 21.61
N SER B 49 15.48 12.27 22.17
CA SER B 49 16.92 12.36 22.31
C SER B 49 17.52 10.96 22.34
N TYR B 50 18.82 10.90 22.08
CA TYR B 50 19.58 9.65 22.06
C TYR B 50 20.85 9.80 22.87
N ILE B 51 21.25 8.72 23.52
CA ILE B 51 22.50 8.67 24.27
C ILE B 51 23.18 7.33 24.02
N HIS B 52 24.50 7.37 23.82
CA HIS B 52 25.30 6.17 23.68
C HIS B 52 25.58 5.58 25.05
N ASN B 53 25.96 4.29 25.06
CA ASN B 53 26.32 3.68 26.34
C ASN B 53 27.56 4.34 26.94
N SER B 54 28.49 4.77 26.08
CA SER B 54 29.62 5.57 26.54
C SER B 54 29.21 7.00 26.87
N GLY B 55 28.26 7.57 26.11
CA GLY B 55 27.65 8.82 26.47
C GLY B 55 28.05 10.03 25.64
N ASN B 56 29.10 9.94 24.83
CA ASN B 56 29.50 11.11 24.04
C ASN B 56 28.64 11.30 22.78
N PRO B 57 28.29 10.25 22.02
CA PRO B 57 27.36 10.46 20.91
C PRO B 57 25.97 10.84 21.42
N VAL B 58 25.61 12.11 21.22
CA VAL B 58 24.38 12.67 21.76
C VAL B 58 23.64 13.36 20.61
N TYR B 59 22.34 13.05 20.47
CA TYR B 59 21.52 13.67 19.45
C TYR B 59 20.17 14.03 20.05
N TYR B 60 19.52 15.01 19.41
CA TYR B 60 18.21 15.47 19.86
C TYR B 60 17.32 15.70 18.66
N ALA B 61 16.02 15.78 18.92
CA ALA B 61 15.10 16.31 17.93
C ALA B 61 15.44 17.78 17.66
N ASP B 62 15.32 18.19 16.40
CA ASP B 62 15.73 19.55 16.04
C ASP B 62 14.90 20.60 16.77
N SER B 63 13.67 20.26 17.17
CA SER B 63 12.80 21.22 17.84
C SER B 63 13.10 21.40 19.31
N VAL B 64 13.98 20.58 19.89
CA VAL B 64 14.26 20.64 21.33
C VAL B 64 15.75 20.83 21.59
N LYS B 65 16.50 21.21 20.55
CA LYS B 65 17.92 21.48 20.73
C LYS B 65 18.12 22.75 21.55
N GLY B 66 19.15 22.74 22.41
CA GLY B 66 19.43 23.85 23.29
C GLY B 66 18.56 23.92 24.54
N ARG B 67 17.40 23.27 24.52
CA ARG B 67 16.47 23.26 25.65
C ARG B 67 16.55 21.97 26.46
N PHE B 68 16.68 20.83 25.79
CA PHE B 68 16.73 19.53 26.45
C PHE B 68 18.17 19.02 26.48
N THR B 69 18.48 18.23 27.50
CA THR B 69 19.79 17.59 27.60
C THR B 69 19.65 16.26 28.32
N ILE B 70 20.33 15.25 27.80
CA ILE B 70 20.18 13.87 28.24
C ILE B 70 21.46 13.43 28.95
N SER B 71 21.29 12.56 29.96
CA SER B 71 22.43 12.05 30.72
C SER B 71 22.08 10.67 31.25
N ARG B 72 23.13 9.90 31.58
CA ARG B 72 22.95 8.53 32.05
C ARG B 72 24.06 8.18 33.03
N ASP B 73 23.72 7.35 34.01
CA ASP B 73 24.64 6.90 35.05
C ASP B 73 24.74 5.39 34.97
N ASN B 74 25.85 4.89 34.40
CA ASN B 74 26.03 3.45 34.25
C ASN B 74 26.32 2.75 35.57
N ALA B 75 26.66 3.48 36.63
CA ALA B 75 26.87 2.88 37.93
C ALA B 75 25.57 2.72 38.71
N GLU B 76 24.75 3.78 38.75
CA GLU B 76 23.47 3.75 39.44
C GLU B 76 22.32 3.33 38.54
N ASN B 77 22.59 3.07 37.26
CA ASN B 77 21.59 2.56 36.31
C ASN B 77 20.39 3.50 36.22
N SER B 78 20.66 4.73 35.78
CA SER B 78 19.62 5.74 35.69
C SER B 78 19.82 6.61 34.46
N LEU B 79 18.72 6.93 33.79
CA LEU B 79 18.69 7.83 32.65
C LEU B 79 17.91 9.08 33.02
N TYR B 80 18.41 10.24 32.62
CA TYR B 80 17.81 11.52 32.96
C TYR B 80 17.54 12.32 31.69
N LEU B 81 16.58 13.23 31.78
CA LEU B 81 16.32 14.16 30.68
C LEU B 81 16.03 15.50 31.36
N GLN B 82 16.92 16.48 31.20
CA GLN B 82 16.66 17.82 31.70
C GLN B 82 15.94 18.64 30.62
N MET B 83 14.78 19.19 30.99
CA MET B 83 13.93 19.98 30.09
C MET B 83 13.91 21.42 30.57
N ASN B 84 14.26 22.35 29.69
CA ASN B 84 14.23 23.76 30.05
C ASN B 84 13.46 24.55 29.00
N SER B 85 12.94 25.70 29.42
CA SER B 85 12.16 26.59 28.57
C SER B 85 10.98 25.85 27.93
N LEU B 86 10.27 25.11 28.78
CA LEU B 86 9.20 24.25 28.29
C LEU B 86 8.07 25.05 27.67
N ARG B 87 7.46 24.47 26.64
CA ARG B 87 6.34 25.04 25.93
C ARG B 87 5.14 24.12 26.05
N ALA B 88 3.95 24.66 25.79
CA ALA B 88 2.75 23.81 25.76
C ALA B 88 2.86 22.74 24.68
N GLU B 89 3.71 22.94 23.69
CA GLU B 89 3.99 21.96 22.65
C GLU B 89 4.61 20.69 23.21
N ASP B 90 5.26 20.77 24.37
CA ASP B 90 5.96 19.65 24.97
C ASP B 90 5.05 18.73 25.78
N THR B 91 3.76 19.07 25.90
CA THR B 91 2.81 18.24 26.65
C THR B 91 2.66 16.87 26.01
N ALA B 92 3.18 15.84 26.68
CA ALA B 92 3.17 14.49 26.12
C ALA B 92 3.57 13.51 27.21
N ILE B 93 3.34 12.23 26.95
CA ILE B 93 3.92 11.16 27.76
C ILE B 93 5.32 10.88 27.24
N TYR B 94 6.30 10.92 28.14
CA TYR B 94 7.70 10.75 27.77
C TYR B 94 8.14 9.35 28.17
N TYR B 95 8.35 8.48 27.18
CA TYR B 95 8.79 7.12 27.43
C TYR B 95 10.30 7.02 27.49
N CYS B 96 10.78 6.16 28.38
CA CYS B 96 12.19 5.80 28.45
C CYS B 96 12.42 4.54 27.63
N ALA B 97 13.20 4.65 26.55
CA ALA B 97 13.31 3.60 25.56
C ALA B 97 14.66 2.90 25.66
N ARG B 98 14.65 1.60 25.35
CA ARG B 98 15.81 0.75 25.51
C ARG B 98 16.11 0.09 24.17
N ALA B 99 17.28 0.40 23.60
CA ALA B 99 17.58 0.09 22.21
C ALA B 99 18.34 -1.23 22.10
N LEU B 100 17.93 -2.06 21.13
CA LEU B 100 18.70 -3.23 20.70
C LEU B 100 20.18 -2.83 20.60
N ARG B 101 21.08 -3.64 21.18
CA ARG B 101 22.48 -3.24 21.15
C ARG B 101 22.99 -2.91 19.76
N TYR B 102 23.31 -1.62 19.62
CA TYR B 102 24.09 -1.07 18.52
C TYR B 102 23.30 -1.13 17.22
N SER B 103 21.99 -0.95 17.36
CA SER B 103 21.12 -0.41 16.33
C SER B 103 20.85 1.08 16.52
N THR B 104 21.00 1.56 17.76
CA THR B 104 20.89 2.95 18.19
C THR B 104 19.45 3.46 18.16
N SER B 105 18.54 2.73 17.51
CA SER B 105 17.16 3.21 17.50
C SER B 105 16.08 2.14 17.50
N TRP B 106 16.39 0.84 17.54
CA TRP B 106 15.30 -0.13 17.60
C TRP B 106 15.07 -0.44 19.08
N TYR B 107 13.95 0.04 19.60
CA TYR B 107 13.71 0.11 21.05
C TYR B 107 13.15 -1.23 21.51
N ASP B 108 13.97 -2.02 22.22
CA ASP B 108 13.49 -3.28 22.77
C ASP B 108 12.34 -3.05 23.75
N TYR B 109 12.64 -2.34 24.83
CA TYR B 109 11.81 -2.35 26.01
C TYR B 109 11.50 -0.91 26.40
N TRP B 110 10.23 -0.64 26.68
CA TRP B 110 9.76 0.69 26.98
C TRP B 110 9.31 0.75 28.43
N GLY B 111 9.45 1.92 29.03
CA GLY B 111 8.81 2.15 30.30
C GLY B 111 7.33 2.40 30.13
N GLN B 112 6.63 2.44 31.26
CA GLN B 112 5.20 2.75 31.20
C GLN B 112 4.97 4.20 30.78
N GLY B 113 5.96 5.06 30.94
CA GLY B 113 5.83 6.46 30.57
C GLY B 113 5.30 7.31 31.69
N THR B 114 5.71 8.58 31.68
CA THR B 114 5.21 9.57 32.62
C THR B 114 4.68 10.75 31.83
N LEU B 115 3.62 11.36 32.34
CA LEU B 115 2.91 12.41 31.62
C LEU B 115 3.45 13.77 32.04
N VAL B 116 4.04 14.48 31.08
CA VAL B 116 4.50 15.86 31.29
C VAL B 116 3.48 16.79 30.67
N THR B 117 2.94 17.70 31.47
CA THR B 117 1.94 18.65 31.00
C THR B 117 2.41 20.07 31.31
N VAL B 118 2.56 20.87 30.26
CA VAL B 118 3.05 22.24 30.37
C VAL B 118 1.88 23.17 30.08
N SER B 119 1.43 23.90 31.09
CA SER B 119 0.29 24.78 30.94
C SER B 119 0.23 25.74 32.13
N SER B 120 -0.35 26.91 31.89
CA SER B 120 -0.45 27.95 32.91
C SER B 120 -1.62 27.75 33.86
N ALA B 121 -2.51 26.81 33.58
CA ALA B 121 -3.64 26.56 34.46
C ALA B 121 -3.17 25.94 35.77
N SER B 122 -3.91 26.23 36.84
CA SER B 122 -3.58 25.73 38.17
C SER B 122 -4.30 24.42 38.44
N THR B 123 -3.68 23.60 39.29
CA THR B 123 -4.25 22.30 39.66
C THR B 123 -5.63 22.48 40.30
N LYS B 124 -6.60 21.74 39.79
CA LYS B 124 -7.98 21.82 40.28
C LYS B 124 -8.59 20.42 40.31
N GLY B 125 -9.32 20.12 41.38
CA GLY B 125 -10.00 18.85 41.53
C GLY B 125 -11.28 18.81 40.73
N PRO B 126 -11.79 17.60 40.47
CA PRO B 126 -12.99 17.46 39.65
C PRO B 126 -14.29 17.52 40.45
N SER B 127 -15.27 18.21 39.88
CA SER B 127 -16.64 18.15 40.38
C SER B 127 -17.33 16.93 39.78
N VAL B 128 -17.99 16.14 40.62
CA VAL B 128 -18.59 14.88 40.21
C VAL B 128 -20.10 15.02 40.31
N PHE B 129 -20.77 14.89 39.17
CA PHE B 129 -22.22 14.97 39.08
C PHE B 129 -22.78 13.66 38.53
N PRO B 130 -23.92 13.21 39.02
CA PRO B 130 -24.52 11.97 38.52
C PRO B 130 -25.25 12.19 37.19
N LEU B 131 -25.51 11.08 36.51
CA LEU B 131 -26.31 11.05 35.28
C LEU B 131 -27.41 10.02 35.54
N ALA B 132 -28.53 10.50 36.07
CA ALA B 132 -29.57 9.60 36.55
C ALA B 132 -30.23 8.87 35.38
N PRO B 133 -30.67 7.63 35.60
CA PRO B 133 -31.34 6.88 34.54
C PRO B 133 -32.68 7.51 34.17
N SER B 134 -33.09 7.27 32.92
CA SER B 134 -34.33 7.83 32.42
C SER B 134 -35.51 7.35 33.25
N SER B 135 -36.36 8.29 33.67
CA SER B 135 -37.58 7.94 34.36
C SER B 135 -38.49 7.14 33.44
N LYS B 136 -38.95 5.99 33.93
CA LYS B 136 -39.75 5.05 33.13
C LYS B 136 -38.96 4.60 31.90
N SER B 137 -37.81 3.98 32.18
CA SER B 137 -36.89 3.56 31.13
C SER B 137 -37.47 2.48 30.22
N THR B 138 -37.70 1.29 30.78
CA THR B 138 -38.05 0.09 30.02
C THR B 138 -38.32 -0.99 31.07
N SER B 139 -38.81 -2.15 30.63
CA SER B 139 -39.10 -3.27 31.52
C SER B 139 -37.92 -4.21 31.70
N GLY B 140 -37.29 -4.66 30.61
CA GLY B 140 -36.27 -5.68 30.73
C GLY B 140 -35.05 -5.55 29.84
N GLY B 141 -34.98 -4.50 29.02
CA GLY B 141 -33.88 -4.41 28.09
C GLY B 141 -32.57 -3.89 28.64
N THR B 142 -32.53 -2.60 29.02
CA THR B 142 -31.30 -1.94 29.41
C THR B 142 -31.65 -0.53 29.84
N ALA B 143 -30.96 -0.05 30.88
CA ALA B 143 -31.01 1.33 31.30
C ALA B 143 -29.57 1.84 31.46
N ALA B 144 -29.36 3.12 31.17
CA ALA B 144 -28.04 3.72 31.15
C ALA B 144 -27.94 4.81 32.22
N LEU B 145 -26.79 4.87 32.88
CA LEU B 145 -26.54 5.86 33.94
C LEU B 145 -25.03 6.00 34.12
N GLY B 146 -24.63 7.06 34.82
CA GLY B 146 -23.22 7.29 35.05
C GLY B 146 -22.98 8.55 35.84
N CYS B 147 -21.70 8.89 35.99
CA CYS B 147 -21.29 10.18 36.53
C CYS B 147 -20.67 11.02 35.43
N LEU B 148 -20.60 12.33 35.70
CA LEU B 148 -19.96 13.31 34.84
C LEU B 148 -18.86 13.98 35.63
N VAL B 149 -17.62 13.83 35.17
CA VAL B 149 -16.43 14.31 35.87
C VAL B 149 -15.96 15.56 35.15
N LYS B 150 -16.10 16.72 35.80
CA LYS B 150 -15.98 18.00 35.14
C LYS B 150 -15.06 18.94 35.91
N ASP B 151 -14.26 19.71 35.16
CA ASP B 151 -13.47 20.83 35.67
C ASP B 151 -12.36 20.37 36.63
N TYR B 152 -11.49 19.53 36.10
CA TYR B 152 -10.23 19.15 36.74
C TYR B 152 -9.09 19.43 35.77
N PHE B 153 -8.04 20.11 36.25
CA PHE B 153 -7.00 20.39 35.27
C PHE B 153 -6.04 19.22 35.00
N PRO B 154 -5.27 18.70 35.98
CA PRO B 154 -4.31 17.65 35.61
C PRO B 154 -5.02 16.42 35.05
N GLU B 155 -4.51 15.92 33.94
CA GLU B 155 -5.39 15.16 33.08
C GLU B 155 -5.77 13.81 33.69
N PRO B 156 -4.86 13.05 34.30
CA PRO B 156 -5.23 11.69 34.71
C PRO B 156 -6.28 11.69 35.82
N VAL B 157 -7.39 11.00 35.55
CA VAL B 157 -8.41 10.68 36.54
C VAL B 157 -8.67 9.18 36.47
N THR B 158 -9.05 8.62 37.62
CA THR B 158 -9.38 7.20 37.71
C THR B 158 -10.84 7.09 38.13
N VAL B 159 -11.67 6.57 37.24
CA VAL B 159 -13.10 6.40 37.48
C VAL B 159 -13.40 4.91 37.44
N SER B 160 -13.79 4.36 38.58
CA SER B 160 -14.25 2.98 38.70
C SER B 160 -15.64 2.97 39.29
N TRP B 161 -16.30 1.82 39.19
CA TRP B 161 -17.68 1.66 39.64
C TRP B 161 -17.77 0.58 40.69
N ASN B 162 -18.34 0.93 41.85
CA ASN B 162 -18.56 -0.01 42.95
C ASN B 162 -17.27 -0.70 43.35
N SER B 163 -16.19 0.10 43.43
CA SER B 163 -14.88 -0.38 43.90
C SER B 163 -14.35 -1.53 43.05
N GLY B 164 -14.49 -1.39 41.73
CA GLY B 164 -14.00 -2.40 40.81
C GLY B 164 -14.87 -3.63 40.69
N ALA B 165 -16.04 -3.65 41.32
CA ALA B 165 -16.95 -4.77 41.20
C ALA B 165 -17.90 -4.65 40.01
N LEU B 166 -18.13 -3.43 39.51
CA LEU B 166 -18.96 -3.19 38.35
C LEU B 166 -18.05 -2.81 37.19
N THR B 167 -17.84 -3.75 36.27
CA THR B 167 -16.96 -3.54 35.11
C THR B 167 -17.67 -3.72 33.79
N SER B 168 -18.58 -4.68 33.68
CA SER B 168 -19.30 -4.91 32.43
C SER B 168 -20.20 -3.73 32.11
N GLY B 169 -20.17 -3.29 30.85
CA GLY B 169 -21.00 -2.20 30.40
C GLY B 169 -20.49 -0.81 30.72
N VAL B 170 -19.31 -0.69 31.32
CA VAL B 170 -18.78 0.59 31.75
C VAL B 170 -18.03 1.23 30.57
N HIS B 171 -18.33 2.51 30.32
CA HIS B 171 -17.64 3.28 29.28
C HIS B 171 -17.12 4.58 29.90
N THR B 172 -15.85 4.57 30.31
CA THR B 172 -15.18 5.77 30.78
C THR B 172 -14.58 6.48 29.57
N PHE B 173 -15.21 7.57 29.15
CA PHE B 173 -14.86 8.24 27.91
C PHE B 173 -13.56 9.02 28.05
N PRO B 174 -12.84 9.23 26.95
CA PRO B 174 -11.69 10.15 26.98
C PRO B 174 -12.14 11.56 27.30
N ALA B 175 -11.27 12.29 28.00
CA ALA B 175 -11.59 13.65 28.41
C ALA B 175 -11.48 14.61 27.23
N VAL B 176 -12.10 15.77 27.38
CA VAL B 176 -12.03 16.85 26.41
C VAL B 176 -11.65 18.13 27.14
N LEU B 177 -10.68 18.85 26.59
CA LEU B 177 -10.21 20.10 27.19
C LEU B 177 -11.08 21.24 26.70
N GLN B 178 -11.74 21.93 27.65
CA GLN B 178 -12.72 22.93 27.32
C GLN B 178 -12.05 24.26 27.00
N SER B 179 -12.87 25.27 26.67
CA SER B 179 -12.34 26.60 26.42
C SER B 179 -11.67 27.20 27.65
N SER B 180 -12.12 26.80 28.84
CA SER B 180 -11.52 27.29 30.07
C SER B 180 -10.08 26.81 30.24
N GLY B 181 -9.74 25.67 29.66
CA GLY B 181 -8.50 24.98 29.97
C GLY B 181 -8.66 23.85 30.95
N LEU B 182 -9.89 23.46 31.28
CA LEU B 182 -10.19 22.43 32.25
C LEU B 182 -10.75 21.20 31.53
N TYR B 183 -10.45 20.02 32.06
CA TYR B 183 -10.91 18.80 31.44
C TYR B 183 -12.29 18.40 31.93
N SER B 184 -13.03 17.73 31.05
CA SER B 184 -14.37 17.24 31.35
C SER B 184 -14.48 15.81 30.84
N LEU B 185 -15.24 14.99 31.57
CA LEU B 185 -15.27 13.57 31.25
C LEU B 185 -16.55 12.95 31.80
N SER B 186 -17.04 11.94 31.09
CA SER B 186 -18.19 11.15 31.50
C SER B 186 -17.79 9.69 31.62
N SER B 187 -18.44 9.00 32.56
CA SER B 187 -18.32 7.54 32.70
C SER B 187 -19.73 6.99 32.86
N VAL B 188 -20.14 6.10 31.96
CA VAL B 188 -21.50 5.57 31.92
C VAL B 188 -21.45 4.06 31.96
N VAL B 189 -22.54 3.47 32.45
CA VAL B 189 -22.67 2.02 32.57
C VAL B 189 -24.10 1.64 32.21
N THR B 190 -24.25 0.53 31.49
CA THR B 190 -25.55 -0.01 31.13
C THR B 190 -25.89 -1.16 32.05
N VAL B 191 -27.09 -1.13 32.63
CA VAL B 191 -27.52 -2.10 33.63
C VAL B 191 -28.93 -2.57 33.29
N PRO B 192 -29.37 -3.68 33.87
CA PRO B 192 -30.72 -4.19 33.57
C PRO B 192 -31.80 -3.15 33.86
N SER B 193 -32.86 -3.19 33.05
CA SER B 193 -33.90 -2.17 33.11
C SER B 193 -34.59 -2.17 34.47
N SER B 194 -35.00 -3.33 34.94
CA SER B 194 -35.67 -3.45 36.26
C SER B 194 -34.70 -3.96 37.32
N SER B 195 -33.64 -3.18 37.57
CA SER B 195 -32.75 -3.46 38.68
C SER B 195 -32.29 -2.16 39.37
N LEU B 196 -33.02 -1.07 39.19
CA LEU B 196 -32.59 0.25 39.64
C LEU B 196 -32.93 0.49 41.10
N GLY B 197 -34.16 0.14 41.52
CA GLY B 197 -34.52 0.27 42.92
C GLY B 197 -33.94 -0.81 43.80
N THR B 198 -33.58 -1.96 43.23
CA THR B 198 -33.02 -3.05 44.02
C THR B 198 -31.52 -2.89 44.23
N GLN B 199 -30.79 -2.56 43.16
CA GLN B 199 -29.34 -2.51 43.17
C GLN B 199 -28.87 -1.06 43.20
N THR B 200 -27.77 -0.82 43.90
CA THR B 200 -27.20 0.50 44.06
C THR B 200 -25.88 0.60 43.31
N TYR B 201 -25.71 1.67 42.54
CA TYR B 201 -24.50 1.92 41.77
C TYR B 201 -23.86 3.22 42.24
N ILE B 202 -22.54 3.20 42.43
CA ILE B 202 -21.81 4.31 43.04
C ILE B 202 -20.48 4.50 42.32
N CYS B 203 -20.12 5.75 42.05
CA CYS B 203 -18.86 6.04 41.39
C CYS B 203 -17.70 6.06 42.38
N ASN B 204 -16.49 5.91 41.84
CA ASN B 204 -15.24 6.05 42.57
C ASN B 204 -14.32 6.90 41.69
N VAL B 205 -14.38 8.21 41.89
CA VAL B 205 -13.60 9.17 41.10
C VAL B 205 -12.33 9.51 41.87
N ASN B 206 -11.18 9.32 41.23
CA ASN B 206 -9.90 9.56 41.85
C ASN B 206 -9.09 10.51 40.98
N HIS B 207 -8.39 11.45 41.62
CA HIS B 207 -7.55 12.44 40.93
C HIS B 207 -6.25 12.53 41.74
N LYS B 208 -5.25 11.75 41.33
CA LYS B 208 -3.97 11.72 42.04
C LYS B 208 -3.31 13.09 42.19
N PRO B 209 -3.30 13.99 41.19
CA PRO B 209 -2.60 15.27 41.38
C PRO B 209 -3.30 16.23 42.34
N SER B 210 -4.34 15.76 43.03
CA SER B 210 -5.03 16.60 44.01
C SER B 210 -5.38 15.88 45.31
N ASN B 211 -4.99 14.61 45.48
CA ASN B 211 -5.37 13.81 46.64
C ASN B 211 -6.88 13.84 46.85
N THR B 212 -7.62 13.58 45.77
CA THR B 212 -9.07 13.65 45.76
C THR B 212 -9.66 12.26 45.55
N LYS B 213 -10.69 11.95 46.33
CA LYS B 213 -11.44 10.70 46.18
C LYS B 213 -12.91 11.03 46.42
N VAL B 214 -13.66 11.24 45.33
CA VAL B 214 -15.06 11.61 45.41
C VAL B 214 -15.89 10.41 44.96
N ASP B 215 -16.65 9.84 45.88
CA ASP B 215 -17.65 8.83 45.57
C ASP B 215 -19.02 9.51 45.46
N LYS B 216 -19.86 8.98 44.59
CA LYS B 216 -21.17 9.60 44.35
C LYS B 216 -22.20 8.53 44.04
N LYS B 217 -23.28 8.51 44.82
CA LYS B 217 -24.40 7.62 44.57
C LYS B 217 -25.24 8.13 43.40
N VAL B 218 -25.67 7.22 42.54
CA VAL B 218 -26.40 7.55 41.33
C VAL B 218 -27.65 6.68 41.31
N GLU B 219 -28.80 7.27 41.61
CA GLU B 219 -30.08 6.59 41.60
C GLU B 219 -31.13 7.52 41.03
N PRO B 220 -32.26 6.98 40.58
CA PRO B 220 -33.29 7.81 39.93
C PRO B 220 -33.84 8.89 40.86
N LYS B 221 -34.52 9.85 40.24
CA LYS B 221 -35.13 10.96 40.96
C LYS B 221 -36.61 10.69 41.20
N THR C 1 61.49 3.11 52.95
CA THR C 1 60.40 2.38 53.60
C THR C 1 59.06 2.68 52.94
N ASN C 2 59.02 2.58 51.63
CA ASN C 2 57.78 2.72 50.87
C ASN C 2 57.05 1.39 50.78
N LEU C 3 55.83 1.36 51.30
CA LEU C 3 55.05 0.12 51.38
C LEU C 3 54.15 -0.01 50.17
N CYS C 4 54.06 -1.25 49.67
CA CYS C 4 53.30 -1.49 48.45
C CYS C 4 51.81 -1.24 48.68
N PRO C 5 51.13 -0.57 47.74
CA PRO C 5 49.71 -0.19 47.93
C PRO C 5 48.76 -1.34 47.68
N PHE C 6 48.77 -2.31 48.59
CA PHE C 6 47.82 -3.42 48.50
C PHE C 6 46.42 -3.02 48.93
N GLY C 7 46.31 -1.99 49.80
CA GLY C 7 45.00 -1.55 50.24
C GLY C 7 44.13 -1.02 49.11
N GLU C 8 44.75 -0.40 48.11
CA GLU C 8 43.99 0.09 46.95
C GLU C 8 43.39 -1.08 46.16
N VAL C 9 44.06 -2.22 46.13
CA VAL C 9 43.57 -3.35 45.34
C VAL C 9 42.54 -4.16 46.14
N PHE C 10 42.93 -4.62 47.33
CA PHE C 10 42.06 -5.52 48.08
C PHE C 10 40.84 -4.78 48.64
N ASN C 11 41.01 -3.52 49.04
CA ASN C 11 39.94 -2.75 49.66
C ASN C 11 39.35 -1.72 48.71
N ALA C 12 39.38 -1.99 47.41
CA ALA C 12 38.74 -1.11 46.45
C ALA C 12 37.23 -1.13 46.64
N THR C 13 36.61 0.04 46.54
CA THR C 13 35.16 0.13 46.67
C THR C 13 34.47 -0.64 45.55
N ARG C 14 34.98 -0.55 44.34
CA ARG C 14 34.40 -1.21 43.18
C ARG C 14 35.43 -2.11 42.52
N PHE C 15 35.01 -3.31 42.13
CA PHE C 15 35.84 -4.24 41.39
C PHE C 15 35.36 -4.31 39.95
N ALA C 16 36.28 -4.64 39.05
CA ALA C 16 35.96 -4.69 37.64
C ALA C 16 35.27 -6.01 37.27
N SER C 17 34.55 -5.97 36.16
CA SER C 17 33.99 -7.19 35.59
C SER C 17 35.12 -8.09 35.08
N VAL C 18 34.87 -9.40 35.08
CA VAL C 18 35.93 -10.35 34.76
C VAL C 18 36.39 -10.19 33.32
N TYR C 19 35.47 -9.88 32.40
CA TYR C 19 35.85 -9.68 31.01
C TYR C 19 36.75 -8.45 30.84
N ALA C 20 36.61 -7.47 31.72
CA ALA C 20 37.41 -6.25 31.71
C ALA C 20 38.27 -6.18 32.97
N TRP C 21 38.90 -7.29 33.32
CA TRP C 21 39.63 -7.40 34.57
C TRP C 21 40.72 -6.32 34.66
N ASN C 22 40.75 -5.64 35.81
CA ASN C 22 41.69 -4.56 36.02
C ASN C 22 43.07 -5.11 36.39
N ARG C 23 44.11 -4.39 35.95
CA ARG C 23 45.48 -4.76 36.25
C ARG C 23 46.17 -3.59 36.94
N LYS C 24 46.84 -3.87 38.06
CA LYS C 24 47.61 -2.83 38.79
C LYS C 24 49.06 -3.30 38.93
N ARG C 25 49.99 -2.37 38.82
CA ARG C 25 51.43 -2.70 38.88
C ARG C 25 51.98 -2.31 40.23
N ILE C 26 52.75 -3.20 40.82
CA ILE C 26 53.39 -2.90 42.11
C ILE C 26 54.87 -2.79 41.81
N SER C 27 55.46 -1.63 42.06
CA SER C 27 56.87 -1.42 41.81
C SER C 27 57.45 -0.47 42.84
N ASN C 28 58.75 -0.64 43.12
CA ASN C 28 59.51 0.27 43.98
C ASN C 28 58.86 0.43 45.35
N CYS C 29 58.61 -0.70 46.02
CA CYS C 29 57.93 -0.65 47.30
C CYS C 29 58.23 -1.92 48.09
N VAL C 30 57.83 -1.91 49.35
CA VAL C 30 58.01 -3.03 50.27
C VAL C 30 56.66 -3.68 50.50
N ALA C 31 56.56 -4.96 50.13
CA ALA C 31 55.33 -5.73 50.29
C ALA C 31 55.58 -6.83 51.32
N ASP C 32 55.03 -6.65 52.51
CA ASP C 32 55.07 -7.71 53.53
C ASP C 32 53.85 -8.60 53.27
N TYR C 33 54.05 -9.57 52.38
CA TYR C 33 52.96 -10.43 51.93
C TYR C 33 52.37 -11.27 53.05
N SER C 34 53.13 -11.48 54.14
CA SER C 34 52.69 -12.40 55.18
C SER C 34 51.44 -11.90 55.89
N VAL C 35 51.20 -10.58 55.93
CA VAL C 35 49.98 -10.08 56.52
C VAL C 35 48.75 -10.51 55.74
N LEU C 36 48.94 -10.86 54.46
CA LEU C 36 47.79 -11.25 53.63
C LEU C 36 47.27 -12.62 54.03
N TYR C 37 48.11 -13.66 53.95
CA TYR C 37 47.63 -14.98 54.34
C TYR C 37 47.49 -15.11 55.86
N ASN C 38 48.43 -14.54 56.62
CA ASN C 38 48.30 -14.62 58.07
C ASN C 38 47.30 -13.57 58.53
N SER C 39 46.14 -13.58 57.88
CA SER C 39 44.94 -12.86 58.27
C SER C 39 43.73 -13.76 58.35
N ALA C 40 43.70 -14.85 57.57
CA ALA C 40 42.64 -15.86 57.60
C ALA C 40 41.27 -15.25 57.30
N SER C 41 41.24 -14.16 56.56
CA SER C 41 39.99 -13.51 56.17
C SER C 41 39.52 -13.92 54.79
N PHE C 42 40.34 -14.63 54.02
CA PHE C 42 39.97 -15.08 52.69
C PHE C 42 39.52 -16.53 52.71
N SER C 43 38.78 -16.92 51.67
CA SER C 43 38.33 -18.30 51.51
C SER C 43 39.23 -19.11 50.58
N THR C 44 39.93 -18.46 49.66
CA THR C 44 40.90 -19.11 48.79
C THR C 44 42.20 -18.33 48.83
N PHE C 45 43.30 -19.01 49.13
CA PHE C 45 44.61 -18.37 49.06
C PHE C 45 45.59 -19.48 48.64
N LYS C 46 45.77 -19.63 47.33
CA LYS C 46 46.72 -20.58 46.77
C LYS C 46 47.85 -19.84 46.07
N CYS C 47 49.06 -20.35 46.23
CA CYS C 47 50.24 -19.83 45.54
C CYS C 47 50.88 -20.97 44.75
N TYR C 48 51.28 -20.67 43.53
CA TYR C 48 51.87 -21.65 42.64
C TYR C 48 53.32 -21.28 42.37
N GLY C 49 54.17 -22.29 42.23
CA GLY C 49 55.59 -22.04 42.02
C GLY C 49 56.26 -21.56 43.28
N VAL C 50 55.90 -20.35 43.72
CA VAL C 50 56.38 -19.84 44.99
C VAL C 50 55.53 -20.42 46.13
N SER C 51 56.06 -20.33 47.35
CA SER C 51 55.35 -20.81 48.52
C SER C 51 54.77 -19.63 49.30
N PRO C 52 53.50 -19.69 49.71
CA PRO C 52 52.90 -18.53 50.38
C PRO C 52 53.60 -18.11 51.66
N THR C 53 54.19 -19.04 52.38
CA THR C 53 54.95 -18.70 53.58
C THR C 53 56.45 -18.69 53.28
N LYS C 54 57.15 -17.78 53.93
CA LYS C 54 58.45 -17.31 53.48
C LYS C 54 58.39 -16.96 51.99
N LEU C 55 57.39 -16.13 51.67
CA LEU C 55 57.25 -15.54 50.35
C LEU C 55 57.74 -14.10 50.31
N ASN C 56 57.80 -13.43 51.46
CA ASN C 56 58.34 -12.09 51.57
C ASN C 56 59.83 -12.07 51.87
N ASP C 57 60.53 -13.16 51.55
CA ASP C 57 62.00 -13.18 51.55
C ASP C 57 62.56 -13.26 50.14
N LEU C 58 61.77 -12.85 49.14
CA LEU C 58 62.18 -12.89 47.74
C LEU C 58 62.06 -11.51 47.12
N CYS C 59 62.83 -11.29 46.06
CA CYS C 59 62.85 -10.03 45.33
C CYS C 59 62.37 -10.28 43.90
N PHE C 60 61.43 -9.44 43.45
CA PHE C 60 60.93 -9.48 42.09
C PHE C 60 61.04 -8.09 41.48
N THR C 61 61.01 -8.04 40.15
CA THR C 61 61.10 -6.76 39.46
C THR C 61 59.77 -6.02 39.50
N ASN C 62 58.68 -6.70 39.13
CA ASN C 62 57.36 -6.11 39.14
C ASN C 62 56.34 -7.15 39.60
N VAL C 63 55.29 -6.67 40.26
CA VAL C 63 54.18 -7.50 40.70
C VAL C 63 52.90 -6.97 40.09
N TYR C 64 52.14 -7.85 39.46
CA TYR C 64 50.86 -7.51 38.83
C TYR C 64 49.73 -7.96 39.73
N ALA C 65 48.79 -7.05 39.99
CA ALA C 65 47.63 -7.33 40.83
C ALA C 65 46.37 -7.24 39.98
N ASP C 66 45.90 -8.39 39.50
CA ASP C 66 44.68 -8.46 38.70
C ASP C 66 43.48 -8.73 39.61
N SER C 67 42.44 -7.92 39.45
CA SER C 67 41.26 -8.02 40.29
C SER C 67 39.99 -8.03 39.43
N PHE C 68 39.01 -8.81 39.84
CA PHE C 68 37.73 -8.93 39.13
C PHE C 68 36.76 -9.66 40.05
N VAL C 69 35.53 -9.82 39.59
CA VAL C 69 34.46 -10.48 40.34
C VAL C 69 33.88 -11.60 39.48
N ILE C 70 33.86 -12.81 40.04
CA ILE C 70 33.18 -13.96 39.45
C ILE C 70 32.33 -14.59 40.54
N ARG C 71 31.55 -15.60 40.18
CA ARG C 71 30.72 -16.24 41.18
C ARG C 71 31.49 -17.37 41.86
N GLY C 72 30.87 -18.00 42.85
CA GLY C 72 31.57 -18.96 43.67
C GLY C 72 32.04 -20.19 42.91
N ASP C 73 31.20 -20.72 42.03
CA ASP C 73 31.52 -21.95 41.31
C ASP C 73 32.40 -21.72 40.08
N GLU C 74 33.02 -20.54 39.97
CA GLU C 74 34.01 -20.27 38.93
C GLU C 74 35.37 -19.92 39.50
N VAL C 75 35.51 -19.90 40.83
CA VAL C 75 36.80 -19.56 41.44
C VAL C 75 37.84 -20.61 41.12
N ARG C 76 37.44 -21.88 41.03
CA ARG C 76 38.38 -22.94 40.70
C ARG C 76 38.96 -22.77 39.31
N GLN C 77 38.32 -22.00 38.44
CA GLN C 77 38.84 -21.78 37.09
C GLN C 77 40.04 -20.84 37.09
N ILE C 78 40.25 -20.08 38.16
CA ILE C 78 41.40 -19.17 38.24
C ILE C 78 42.56 -19.99 38.80
N ALA C 79 43.20 -20.71 37.90
CA ALA C 79 44.29 -21.62 38.23
C ALA C 79 44.90 -22.13 36.93
N PRO C 80 46.17 -22.53 36.96
CA PRO C 80 46.80 -23.05 35.74
C PRO C 80 46.09 -24.29 35.22
N GLY C 81 45.99 -24.38 33.90
CA GLY C 81 45.46 -25.57 33.25
C GLY C 81 43.99 -25.81 33.47
N GLN C 82 43.20 -24.77 33.72
CA GLN C 82 41.77 -24.91 33.94
C GLN C 82 40.99 -24.52 32.70
N THR C 83 39.78 -25.06 32.60
CA THR C 83 38.88 -24.77 31.49
C THR C 83 37.53 -24.29 32.04
N GLY C 84 36.75 -23.66 31.17
CA GLY C 84 35.47 -23.12 31.56
C GLY C 84 35.22 -21.76 30.94
N LYS C 85 34.03 -21.19 31.15
CA LYS C 85 33.68 -19.93 30.51
C LYS C 85 34.63 -18.81 30.94
N ILE C 86 34.97 -18.76 32.23
CA ILE C 86 35.87 -17.72 32.72
C ILE C 86 37.29 -17.94 32.19
N ALA C 87 37.80 -19.17 32.32
CA ALA C 87 39.17 -19.45 31.90
C ALA C 87 39.32 -19.33 30.39
N ASP C 88 38.31 -19.73 29.63
CA ASP C 88 38.45 -19.76 28.18
C ASP C 88 38.23 -18.38 27.56
N TYR C 89 37.22 -17.63 28.01
CA TYR C 89 36.85 -16.38 27.36
C TYR C 89 37.07 -15.13 28.21
N ASN C 90 37.33 -15.25 29.51
CA ASN C 90 37.39 -14.07 30.36
C ASN C 90 38.77 -13.81 30.95
N TYR C 91 39.36 -14.78 31.64
CA TYR C 91 40.65 -14.58 32.28
C TYR C 91 41.39 -15.90 32.30
N LYS C 92 42.56 -15.94 31.67
CA LYS C 92 43.33 -17.17 31.47
C LYS C 92 44.69 -17.03 32.15
N LEU C 93 45.09 -18.06 32.88
CA LEU C 93 46.39 -18.13 33.54
C LEU C 93 47.31 -19.10 32.80
N PRO C 94 48.59 -18.79 32.74
CA PRO C 94 49.54 -19.69 32.07
C PRO C 94 49.66 -21.01 32.81
N ASP C 95 50.04 -22.04 32.06
CA ASP C 95 50.34 -23.33 32.70
C ASP C 95 51.48 -23.19 33.69
N ASP C 96 52.50 -22.39 33.35
CA ASP C 96 53.66 -22.14 34.21
C ASP C 96 53.42 -20.96 35.13
N PHE C 97 52.27 -20.93 35.80
CA PHE C 97 51.93 -19.77 36.61
C PHE C 97 52.64 -19.87 37.95
N THR C 98 53.48 -18.89 38.24
CA THR C 98 54.11 -18.73 39.55
C THR C 98 53.51 -17.49 40.19
N GLY C 99 52.75 -17.69 41.25
CA GLY C 99 52.07 -16.60 41.90
C GLY C 99 50.89 -17.11 42.70
N CYS C 100 50.15 -16.16 43.25
CA CYS C 100 49.09 -16.45 44.20
C CYS C 100 47.74 -15.99 43.67
N VAL C 101 46.72 -16.80 43.90
CA VAL C 101 45.33 -16.49 43.58
C VAL C 101 44.57 -16.34 44.88
N ILE C 102 43.91 -15.20 45.05
CA ILE C 102 43.26 -14.85 46.32
C ILE C 102 41.81 -14.51 46.03
N ALA C 103 40.89 -15.11 46.80
CA ALA C 103 39.47 -14.89 46.63
C ALA C 103 38.77 -14.88 47.98
N TRP C 104 37.66 -14.14 48.05
CA TRP C 104 36.84 -14.09 49.24
C TRP C 104 35.41 -13.76 48.84
N ASN C 105 34.45 -14.23 49.65
CA ASN C 105 33.04 -13.98 49.36
C ASN C 105 32.73 -12.50 49.52
N SER C 106 31.96 -11.97 48.57
CA SER C 106 31.58 -10.56 48.56
C SER C 106 30.08 -10.42 48.35
N ASN C 107 29.30 -11.35 48.93
CA ASN C 107 27.85 -11.26 48.82
C ASN C 107 27.31 -10.01 49.51
N ASN C 108 27.96 -9.56 50.59
CA ASN C 108 27.51 -8.39 51.32
C ASN C 108 27.70 -7.10 50.53
N LEU C 109 28.62 -7.07 49.56
CA LEU C 109 28.95 -5.86 48.84
C LEU C 109 28.48 -5.84 47.40
N ASP C 110 28.51 -6.99 46.71
CA ASP C 110 28.24 -7.03 45.28
C ASP C 110 26.87 -7.59 44.93
N SER C 111 26.08 -8.02 45.92
CA SER C 111 24.73 -8.50 45.67
C SER C 111 23.71 -7.45 46.11
N LYS C 112 22.63 -7.35 45.34
CA LYS C 112 21.57 -6.39 45.62
C LYS C 112 20.22 -7.09 45.52
N VAL C 113 19.26 -6.61 46.32
CA VAL C 113 17.90 -7.13 46.23
C VAL C 113 17.32 -6.80 44.86
N GLY C 114 16.80 -7.80 44.19
CA GLY C 114 16.36 -7.67 42.82
C GLY C 114 17.44 -7.92 41.78
N GLY C 115 18.69 -8.13 42.21
CA GLY C 115 19.76 -8.45 41.29
C GLY C 115 20.68 -7.30 40.97
N ASN C 116 21.98 -7.50 41.17
CA ASN C 116 23.00 -6.55 40.75
C ASN C 116 23.52 -6.99 39.38
N TYR C 117 23.22 -6.20 38.36
CA TYR C 117 23.54 -6.56 36.98
C TYR C 117 24.74 -5.78 36.43
N ASN C 118 25.50 -5.10 37.30
CA ASN C 118 26.66 -4.35 36.83
C ASN C 118 27.83 -5.25 36.48
N TYR C 119 27.89 -6.46 37.03
CA TYR C 119 29.00 -7.37 36.78
C TYR C 119 28.68 -8.26 35.58
N LEU C 120 29.63 -8.32 34.65
CA LEU C 120 29.42 -9.01 33.38
C LEU C 120 30.55 -10.01 33.14
N TYR C 121 30.24 -11.02 32.32
CA TYR C 121 31.23 -11.97 31.85
C TYR C 121 30.97 -12.26 30.38
N ARG C 122 32.03 -12.63 29.66
CA ARG C 122 31.91 -12.93 28.24
C ARG C 122 31.37 -14.35 28.07
N LEU C 123 30.23 -14.48 27.41
CA LEU C 123 29.57 -15.76 27.21
C LEU C 123 29.89 -16.40 25.88
N PHE C 124 30.06 -15.62 24.82
CA PHE C 124 30.32 -16.12 23.48
C PHE C 124 31.67 -15.63 22.99
N ARG C 125 32.50 -16.54 22.51
CA ARG C 125 33.77 -16.19 21.89
C ARG C 125 34.21 -17.34 21.00
N LYS C 126 34.79 -17.00 19.85
CA LYS C 126 35.19 -18.01 18.88
C LYS C 126 36.28 -18.94 19.41
N SER C 127 37.30 -18.37 20.06
N SER C 127 37.30 -18.37 20.06
CA SER C 127 38.45 -19.13 20.50
CA SER C 127 38.45 -19.13 20.50
C SER C 127 38.82 -18.74 21.94
C SER C 127 38.82 -18.73 21.93
N ASN C 128 39.55 -19.62 22.59
CA ASN C 128 39.99 -19.36 23.95
C ASN C 128 41.00 -18.22 24.00
N LEU C 129 40.99 -17.49 25.12
CA LEU C 129 41.95 -16.42 25.33
C LEU C 129 43.35 -16.98 25.53
N LYS C 130 44.34 -16.21 25.07
CA LYS C 130 45.71 -16.45 25.47
C LYS C 130 45.89 -16.06 26.93
N PRO C 131 46.93 -16.58 27.60
CA PRO C 131 47.17 -16.18 28.98
C PRO C 131 47.33 -14.67 29.12
N PHE C 132 46.69 -14.12 30.15
CA PHE C 132 46.72 -12.69 30.46
C PHE C 132 46.21 -11.83 29.30
N GLU C 133 45.23 -12.34 28.55
CA GLU C 133 44.61 -11.58 27.48
C GLU C 133 43.34 -10.90 27.97
N ARG C 134 43.19 -9.61 27.63
CA ARG C 134 41.99 -8.84 27.94
C ARG C 134 41.20 -8.63 26.65
N ASP C 135 39.98 -9.15 26.61
CA ASP C 135 39.07 -8.94 25.49
C ASP C 135 37.89 -8.13 26.01
N ILE C 136 37.86 -6.85 25.63
CA ILE C 136 36.77 -5.95 25.97
C ILE C 136 35.87 -5.69 24.76
N SER C 137 36.04 -6.45 23.68
CA SER C 137 35.23 -6.22 22.49
C SER C 137 33.79 -6.59 22.77
N THR C 138 32.87 -5.70 22.41
CA THR C 138 31.44 -5.93 22.55
C THR C 138 30.76 -6.05 21.20
N GLU C 139 31.44 -6.67 20.24
CA GLU C 139 30.88 -6.86 18.90
C GLU C 139 29.90 -8.02 18.91
N ILE C 140 28.80 -7.88 18.16
CA ILE C 140 27.76 -8.90 18.15
C ILE C 140 28.33 -10.22 17.64
N TYR C 141 28.08 -11.29 18.39
CA TYR C 141 28.64 -12.60 18.09
C TYR C 141 27.76 -13.28 17.04
N GLN C 142 28.37 -13.67 15.91
CA GLN C 142 27.67 -14.35 14.84
C GLN C 142 27.76 -15.85 15.07
N ALA C 143 26.61 -16.48 15.35
CA ALA C 143 26.53 -17.92 15.55
C ALA C 143 25.74 -18.61 14.45
N GLY C 144 25.54 -17.94 13.31
CA GLY C 144 24.77 -18.48 12.22
C GLY C 144 25.34 -18.06 10.88
N SER C 145 24.65 -18.48 9.82
CA SER C 145 25.10 -18.17 8.47
CA SER C 145 25.10 -18.17 8.47
C SER C 145 24.82 -16.72 8.08
N THR C 146 23.75 -16.13 8.61
CA THR C 146 23.39 -14.77 8.25
C THR C 146 24.28 -13.77 8.98
N PRO C 147 24.70 -12.69 8.31
CA PRO C 147 25.48 -11.65 9.01
C PRO C 147 24.60 -10.87 9.98
N CYS C 148 25.19 -10.51 11.11
CA CYS C 148 24.45 -9.78 12.15
C CYS C 148 24.27 -8.31 11.81
N ASN C 149 25.26 -7.71 11.14
CA ASN C 149 25.24 -6.27 10.84
C ASN C 149 25.13 -5.42 12.10
N GLY C 150 25.71 -5.90 13.19
CA GLY C 150 25.77 -5.13 14.43
C GLY C 150 24.51 -5.12 15.27
N VAL C 151 23.53 -5.98 14.97
CA VAL C 151 22.28 -6.01 15.71
C VAL C 151 22.06 -7.42 16.27
N GLU C 152 21.82 -7.50 17.57
CA GLU C 152 21.50 -8.76 18.22
C GLU C 152 20.13 -9.27 17.78
N GLY C 153 20.05 -10.58 17.54
CA GLY C 153 18.82 -11.19 17.06
C GLY C 153 18.92 -12.70 16.93
N PHE C 154 18.27 -13.28 15.92
CA PHE C 154 18.35 -14.72 15.71
C PHE C 154 19.76 -15.12 15.29
N ASN C 155 20.35 -16.06 16.03
CA ASN C 155 21.72 -16.51 15.84
C ASN C 155 22.72 -15.36 15.88
N CYS C 156 22.36 -14.27 16.56
CA CYS C 156 23.25 -13.12 16.74
C CYS C 156 23.11 -12.66 18.18
N TYR C 157 24.14 -12.92 18.98
CA TYR C 157 24.09 -12.73 20.42
C TYR C 157 25.05 -11.64 20.85
N PHE C 158 24.63 -10.85 21.83
CA PHE C 158 25.54 -9.94 22.51
C PHE C 158 26.54 -10.78 23.32
N PRO C 159 27.85 -10.55 23.16
CA PRO C 159 28.83 -11.47 23.77
C PRO C 159 28.83 -11.47 25.28
N LEU C 160 28.37 -10.41 25.94
CA LEU C 160 28.48 -10.29 27.39
C LEU C 160 27.16 -10.66 28.06
N GLN C 161 27.27 -11.36 29.19
CA GLN C 161 26.12 -11.78 29.99
C GLN C 161 26.27 -11.27 31.41
N SER C 162 25.16 -10.89 32.02
CA SER C 162 25.16 -10.34 33.36
C SER C 162 24.99 -11.44 34.41
N TYR C 163 25.73 -11.32 35.51
CA TYR C 163 25.62 -12.29 36.59
C TYR C 163 24.28 -12.16 37.31
N GLY C 164 23.85 -10.94 37.58
CA GLY C 164 22.60 -10.72 38.30
C GLY C 164 22.64 -11.24 39.72
N PHE C 165 23.71 -10.92 40.46
CA PHE C 165 23.86 -11.42 41.81
C PHE C 165 22.72 -10.96 42.70
N GLN C 166 22.14 -11.91 43.44
CA GLN C 166 21.13 -11.64 44.45
C GLN C 166 21.59 -12.18 45.79
N PRO C 167 21.25 -11.51 46.90
CA PRO C 167 21.76 -11.95 48.21
C PRO C 167 21.27 -13.32 48.62
N THR C 168 20.16 -13.81 48.06
CA THR C 168 19.61 -15.12 48.40
C THR C 168 20.04 -16.21 47.43
N ASN C 169 21.12 -16.00 46.69
CA ASN C 169 21.63 -17.01 45.78
C ASN C 169 22.37 -18.10 46.54
N GLY C 170 22.57 -19.23 45.87
CA GLY C 170 23.43 -20.26 46.41
C GLY C 170 24.88 -19.82 46.45
N VAL C 171 25.66 -20.51 47.30
CA VAL C 171 27.05 -20.10 47.54
C VAL C 171 27.85 -20.14 46.24
N GLY C 172 27.63 -21.18 45.42
CA GLY C 172 28.33 -21.24 44.14
C GLY C 172 27.87 -20.17 43.18
N TYR C 173 26.65 -19.68 43.35
CA TYR C 173 26.10 -18.61 42.52
C TYR C 173 26.33 -17.23 43.10
N GLN C 174 26.97 -17.13 44.27
CA GLN C 174 27.22 -15.87 44.95
C GLN C 174 28.50 -15.21 44.43
N PRO C 175 28.60 -13.88 44.51
CA PRO C 175 29.79 -13.19 43.98
C PRO C 175 31.01 -13.36 44.88
N TYR C 176 32.16 -13.46 44.24
CA TYR C 176 33.44 -13.55 44.93
C TYR C 176 34.43 -12.58 44.29
N ARG C 177 35.13 -11.82 45.12
CA ARG C 177 36.15 -10.90 44.65
C ARG C 177 37.50 -11.61 44.62
N VAL C 178 38.19 -11.53 43.49
CA VAL C 178 39.41 -12.29 43.25
C VAL C 178 40.56 -11.33 42.98
N VAL C 179 41.71 -11.61 43.59
CA VAL C 179 42.94 -10.87 43.34
C VAL C 179 44.01 -11.89 42.93
N VAL C 180 44.62 -11.68 41.78
CA VAL C 180 45.67 -12.55 41.26
C VAL C 180 46.98 -11.78 41.27
N LEU C 181 47.96 -12.30 42.02
CA LEU C 181 49.27 -11.70 42.12
C LEU C 181 50.24 -12.44 41.20
N SER C 182 50.80 -11.72 40.23
CA SER C 182 51.76 -12.28 39.28
C SER C 182 53.14 -11.73 39.62
N PHE C 183 54.08 -12.62 39.88
CA PHE C 183 55.44 -12.24 40.25
C PHE C 183 56.32 -12.33 39.01
N GLU C 184 56.66 -11.18 38.44
CA GLU C 184 57.47 -11.10 37.23
C GLU C 184 58.87 -10.64 37.59
N LEU C 185 59.87 -11.45 37.26
CA LEU C 185 61.25 -11.11 37.56
C LEU C 185 61.98 -10.74 36.27
N LEU C 186 61.87 -9.45 35.93
CA LEU C 186 62.57 -8.93 34.77
C LEU C 186 64.06 -8.74 35.09
N HIS C 187 64.80 -8.27 34.09
CA HIS C 187 66.25 -8.11 34.24
C HIS C 187 66.60 -6.95 35.16
N ALA C 188 65.77 -5.92 35.21
CA ALA C 188 66.09 -4.74 36.02
C ALA C 188 66.23 -5.15 37.48
N PRO C 189 67.14 -4.51 38.23
CA PRO C 189 67.32 -4.86 39.65
C PRO C 189 66.00 -4.86 40.39
N ALA C 190 65.69 -5.99 41.05
CA ALA C 190 64.36 -6.22 41.59
C ALA C 190 63.89 -5.07 42.47
N THR C 191 62.73 -4.52 42.14
CA THR C 191 62.22 -3.33 42.79
C THR C 191 61.18 -3.63 43.87
N VAL C 192 60.65 -4.84 43.93
CA VAL C 192 59.69 -5.23 44.96
C VAL C 192 60.27 -6.43 45.70
N CYS C 193 60.95 -6.16 46.81
CA CYS C 193 61.48 -7.21 47.68
C CYS C 193 60.55 -7.47 48.86
N GLY C 194 60.22 -6.44 49.63
CA GLY C 194 59.25 -6.55 50.69
C GLY C 194 59.69 -7.42 51.84
N PRO C 195 60.67 -6.94 52.64
CA PRO C 195 61.15 -7.66 53.81
C PRO C 195 60.04 -8.07 54.77
N SER D 1 -11.46 25.44 -19.39
CA SER D 1 -10.08 25.28 -18.97
C SER D 1 -9.68 23.81 -18.91
N GLU D 2 -8.57 23.49 -19.57
CA GLU D 2 -7.99 22.14 -19.54
C GLU D 2 -7.74 21.71 -18.10
N ILE D 3 -8.47 20.70 -17.62
CA ILE D 3 -8.21 20.15 -16.30
C ILE D 3 -6.95 19.29 -16.40
N VAL D 4 -5.89 19.73 -15.75
CA VAL D 4 -4.60 19.05 -15.80
C VAL D 4 -4.56 18.01 -14.67
N LEU D 5 -4.34 16.76 -15.04
CA LEU D 5 -4.18 15.68 -14.07
C LEU D 5 -2.70 15.36 -13.95
N THR D 6 -2.15 15.59 -12.76
CA THR D 6 -0.74 15.37 -12.48
C THR D 6 -0.60 14.13 -11.61
N GLN D 7 0.05 13.09 -12.15
CA GLN D 7 0.11 11.79 -11.42
C GLN D 7 1.33 11.72 -10.50
N SER D 8 1.35 10.74 -9.59
CA SER D 8 2.50 10.55 -8.66
C SER D 8 2.56 9.08 -8.25
N PRO D 9 3.75 8.53 -7.93
CA PRO D 9 5.02 9.11 -8.39
C PRO D 9 5.20 8.86 -9.89
N VAL D 10 6.22 9.47 -10.50
CA VAL D 10 6.51 9.20 -11.93
C VAL D 10 6.81 7.70 -12.06
N SER D 11 7.88 7.24 -11.41
CA SER D 11 8.22 5.82 -11.43
C SER D 11 8.15 5.28 -10.01
N LEU D 12 7.89 3.98 -9.89
CA LEU D 12 7.70 3.36 -8.60
C LEU D 12 8.23 1.94 -8.65
N SER D 13 9.20 1.63 -7.78
CA SER D 13 9.87 0.33 -7.77
C SER D 13 9.44 -0.45 -6.53
N LEU D 14 8.78 -1.58 -6.75
CA LEU D 14 8.37 -2.48 -5.68
C LEU D 14 8.73 -3.91 -6.02
N SER D 15 8.95 -4.71 -4.98
CA SER D 15 9.05 -6.14 -5.14
C SER D 15 7.65 -6.76 -5.18
N PRO D 16 7.51 -7.94 -5.77
CA PRO D 16 6.19 -8.58 -5.83
C PRO D 16 5.67 -8.88 -4.42
N GLY D 17 4.35 -8.84 -4.28
CA GLY D 17 3.70 -9.07 -3.01
C GLY D 17 3.62 -7.87 -2.10
N GLU D 18 4.03 -6.69 -2.56
CA GLU D 18 4.03 -5.49 -1.74
C GLU D 18 2.83 -4.60 -2.08
N ARG D 19 2.58 -3.65 -1.20
CA ARG D 19 1.49 -2.68 -1.38
C ARG D 19 1.99 -1.49 -2.18
N ALA D 20 1.13 -0.98 -3.06
CA ALA D 20 1.46 0.16 -3.91
C ALA D 20 0.33 1.17 -3.90
N THR D 21 0.68 2.45 -3.81
CA THR D 21 -0.28 3.55 -3.86
C THR D 21 0.19 4.58 -4.89
N LEU D 22 -0.72 5.01 -5.75
CA LEU D 22 -0.43 5.93 -6.84
C LEU D 22 -1.32 7.15 -6.72
N SER D 23 -0.74 8.33 -6.96
CA SER D 23 -1.46 9.58 -6.77
C SER D 23 -1.88 10.20 -8.09
N CYS D 24 -2.99 10.94 -8.06
CA CYS D 24 -3.45 11.65 -9.25
C CYS D 24 -4.07 12.96 -8.79
N ARG D 25 -3.38 14.08 -9.03
CA ARG D 25 -3.82 15.39 -8.58
C ARG D 25 -4.31 16.22 -9.77
N ALA D 26 -5.50 16.77 -9.59
CA ALA D 26 -6.19 17.59 -10.57
C ALA D 26 -5.94 19.07 -10.27
N SER D 27 -5.99 19.87 -11.33
CA SER D 27 -5.84 21.31 -11.18
C SER D 27 -7.11 21.98 -10.66
N GLN D 28 -8.25 21.28 -10.73
CA GLN D 28 -9.51 21.77 -10.18
C GLN D 28 -10.39 20.56 -9.91
N SER D 29 -11.54 20.84 -9.30
CA SER D 29 -12.39 19.77 -8.78
C SER D 29 -13.00 18.96 -9.92
N VAL D 30 -12.82 17.64 -9.87
CA VAL D 30 -13.46 16.75 -10.88
C VAL D 30 -14.54 15.96 -10.15
N SER D 31 -14.82 16.34 -8.89
CA SER D 31 -15.84 15.64 -8.08
C SER D 31 -15.49 14.16 -7.98
N SER D 32 -16.05 13.33 -8.86
CA SER D 32 -15.81 11.89 -8.81
C SER D 32 -15.59 11.32 -10.20
N TYR D 33 -15.52 12.17 -11.21
CA TYR D 33 -15.38 11.76 -12.60
C TYR D 33 -13.91 11.50 -12.88
N LEU D 34 -13.45 10.31 -12.53
CA LEU D 34 -12.06 9.92 -12.71
C LEU D 34 -11.94 8.41 -12.65
N ALA D 35 -11.11 7.85 -13.54
CA ALA D 35 -10.90 6.41 -13.63
C ALA D 35 -9.42 6.13 -13.76
N TRP D 36 -9.06 4.86 -13.59
CA TRP D 36 -7.70 4.39 -13.71
C TRP D 36 -7.61 3.34 -14.81
N TYR D 37 -6.55 3.42 -15.62
CA TYR D 37 -6.28 2.45 -16.67
C TYR D 37 -4.95 1.77 -16.41
N GLN D 38 -4.80 0.57 -16.97
CA GLN D 38 -3.54 -0.15 -16.93
C GLN D 38 -3.14 -0.51 -18.34
N GLN D 39 -1.90 -0.20 -18.71
CA GLN D 39 -1.39 -0.46 -20.06
C GLN D 39 -0.05 -1.15 -19.96
N LYS D 40 0.06 -2.33 -20.55
CA LYS D 40 1.29 -3.07 -20.71
C LYS D 40 1.90 -2.79 -22.07
N PRO D 41 3.23 -2.88 -22.20
CA PRO D 41 3.86 -2.53 -23.49
C PRO D 41 3.36 -3.41 -24.62
N GLY D 42 3.13 -2.78 -25.77
CA GLY D 42 2.65 -3.48 -26.94
C GLY D 42 1.16 -3.74 -26.98
N GLN D 43 0.41 -3.30 -25.97
CA GLN D 43 -1.02 -3.56 -25.88
C GLN D 43 -1.76 -2.26 -25.62
N ALA D 44 -3.08 -2.31 -25.84
CA ALA D 44 -3.96 -1.19 -25.54
C ALA D 44 -4.27 -1.13 -24.06
N PRO D 45 -4.62 0.05 -23.54
CA PRO D 45 -4.95 0.17 -22.12
C PRO D 45 -6.23 -0.58 -21.77
N ARG D 46 -6.34 -0.93 -20.49
CA ARG D 46 -7.52 -1.61 -19.95
C ARG D 46 -8.09 -0.79 -18.81
N LEU D 47 -9.42 -0.68 -18.77
CA LEU D 47 -10.10 0.05 -17.71
C LEU D 47 -10.14 -0.81 -16.45
N PHE D 48 -9.57 -0.29 -15.37
CA PHE D 48 -9.50 -1.01 -14.10
C PHE D 48 -10.46 -0.44 -13.05
N ILE D 49 -10.33 0.84 -12.75
CA ILE D 49 -11.21 1.52 -11.81
C ILE D 49 -11.90 2.64 -12.56
N TYR D 50 -13.18 2.87 -12.26
CA TYR D 50 -13.92 3.98 -12.86
C TYR D 50 -14.74 4.69 -11.79
N ASP D 51 -14.99 5.97 -12.00
CA ASP D 51 -15.64 6.85 -11.02
C ASP D 51 -14.91 6.83 -9.69
N ALA D 52 -13.60 6.62 -9.74
CA ALA D 52 -12.65 6.81 -8.64
C ALA D 52 -12.73 5.75 -7.54
N SER D 53 -13.75 4.89 -7.56
CA SER D 53 -13.77 3.79 -6.59
C SER D 53 -14.37 2.49 -7.11
N LYS D 54 -14.80 2.42 -8.36
CA LYS D 54 -15.56 1.26 -8.85
C LYS D 54 -14.69 0.43 -9.78
N ARG D 55 -14.59 -0.87 -9.49
CA ARG D 55 -13.83 -1.79 -10.31
C ARG D 55 -14.60 -2.13 -11.58
N ALA D 56 -13.88 -2.22 -12.70
CA ALA D 56 -14.47 -2.68 -13.93
C ALA D 56 -14.70 -4.19 -13.88
N THR D 57 -15.46 -4.70 -14.84
CA THR D 57 -15.78 -6.11 -14.88
C THR D 57 -14.51 -6.95 -15.04
N GLY D 58 -14.25 -7.82 -14.07
CA GLY D 58 -13.09 -8.67 -14.08
C GLY D 58 -11.90 -8.17 -13.29
N ILE D 59 -11.96 -6.95 -12.76
CA ILE D 59 -10.85 -6.40 -11.99
C ILE D 59 -10.85 -7.02 -10.60
N PRO D 60 -9.74 -7.60 -10.14
CA PRO D 60 -9.73 -8.27 -8.84
C PRO D 60 -9.87 -7.28 -7.69
N ALA D 61 -10.25 -7.84 -6.53
CA ALA D 61 -10.56 -7.02 -5.36
C ALA D 61 -9.34 -6.32 -4.77
N ARG D 62 -8.13 -6.81 -5.06
CA ARG D 62 -6.94 -6.17 -4.53
C ARG D 62 -6.74 -4.75 -5.05
N PHE D 63 -7.37 -4.42 -6.18
CA PHE D 63 -7.34 -3.06 -6.72
C PHE D 63 -8.44 -2.24 -6.06
N SER D 64 -8.07 -1.08 -5.53
CA SER D 64 -9.03 -0.18 -4.93
C SER D 64 -8.71 1.25 -5.36
N GLY D 65 -9.75 2.08 -5.39
CA GLY D 65 -9.58 3.49 -5.67
C GLY D 65 -10.28 4.32 -4.62
N SER D 66 -9.69 5.49 -4.33
CA SER D 66 -10.23 6.37 -3.32
C SER D 66 -9.91 7.81 -3.69
N GLY D 67 -10.44 8.73 -2.89
CA GLY D 67 -10.22 10.15 -3.10
C GLY D 67 -11.33 10.80 -3.90
N SER D 68 -11.46 12.11 -3.73
CA SER D 68 -12.47 12.89 -4.45
C SER D 68 -12.01 14.33 -4.57
N GLY D 69 -12.54 15.02 -5.58
CA GLY D 69 -12.27 16.41 -5.79
C GLY D 69 -10.97 16.69 -6.52
N THR D 70 -9.83 16.63 -5.81
CA THR D 70 -8.55 16.89 -6.45
C THR D 70 -7.43 15.94 -6.06
N ASP D 71 -7.62 15.02 -5.13
CA ASP D 71 -6.64 13.99 -4.81
C ASP D 71 -7.30 12.62 -4.92
N PHE D 72 -6.65 11.72 -5.65
CA PHE D 72 -7.15 10.37 -5.88
C PHE D 72 -5.99 9.38 -5.82
N THR D 73 -6.28 8.20 -5.29
CA THR D 73 -5.26 7.19 -5.05
C THR D 73 -5.71 5.85 -5.60
N LEU D 74 -4.85 5.20 -6.37
CA LEU D 74 -5.04 3.83 -6.81
C LEU D 74 -4.15 2.92 -5.96
N THR D 75 -4.76 1.93 -5.32
CA THR D 75 -4.07 1.09 -4.35
C THR D 75 -4.06 -0.35 -4.83
N ILE D 76 -2.87 -0.95 -4.88
CA ILE D 76 -2.71 -2.38 -5.10
C ILE D 76 -2.22 -2.97 -3.79
N SER D 77 -3.08 -3.76 -3.14
CA SER D 77 -2.77 -4.26 -1.80
C SER D 77 -1.55 -5.17 -1.81
N SER D 78 -1.45 -6.05 -2.80
CA SER D 78 -0.32 -6.96 -2.92
C SER D 78 -0.02 -7.14 -4.40
N LEU D 79 1.15 -6.69 -4.83
CA LEU D 79 1.49 -6.65 -6.25
C LEU D 79 1.76 -8.07 -6.76
N GLU D 80 0.90 -8.53 -7.65
CA GLU D 80 1.06 -9.76 -8.41
C GLU D 80 1.91 -9.49 -9.64
N PRO D 81 2.53 -10.53 -10.22
CA PRO D 81 3.41 -10.30 -11.38
C PRO D 81 2.72 -9.64 -12.56
N GLU D 82 1.42 -9.82 -12.71
CA GLU D 82 0.68 -9.26 -13.83
C GLU D 82 0.24 -7.81 -13.59
N ASP D 83 0.56 -7.25 -12.42
CA ASP D 83 0.13 -5.90 -12.07
C ASP D 83 1.16 -4.83 -12.44
N PHE D 84 2.31 -5.22 -12.97
CA PHE D 84 3.40 -4.29 -13.23
C PHE D 84 3.24 -3.73 -14.64
N ALA D 85 2.83 -2.47 -14.72
CA ALA D 85 2.53 -1.81 -16.00
C ALA D 85 2.48 -0.31 -15.72
N VAL D 86 1.99 0.45 -16.70
CA VAL D 86 1.84 1.89 -16.59
C VAL D 86 0.37 2.20 -16.35
N TYR D 87 0.09 3.04 -15.36
CA TYR D 87 -1.27 3.37 -14.97
C TYR D 87 -1.54 4.85 -15.24
N TYR D 88 -2.60 5.13 -15.98
CA TYR D 88 -3.03 6.49 -16.29
C TYR D 88 -4.37 6.79 -15.62
N CYS D 89 -4.56 8.06 -15.25
CA CYS D 89 -5.79 8.53 -14.63
C CYS D 89 -6.46 9.55 -15.55
N GLN D 90 -7.77 9.40 -15.75
CA GLN D 90 -8.52 10.19 -16.72
C GLN D 90 -9.82 10.71 -16.10
N GLN D 91 -10.14 11.97 -16.36
CA GLN D 91 -11.33 12.63 -15.85
C GLN D 91 -12.38 12.78 -16.94
N ARG D 92 -13.65 12.92 -16.53
CA ARG D 92 -14.73 13.22 -17.46
C ARG D 92 -15.64 14.34 -16.96
N SER D 93 -15.15 15.21 -16.08
CA SER D 93 -15.95 16.33 -15.62
C SER D 93 -15.92 17.52 -16.58
N ASN D 94 -14.99 17.48 -17.53
CA ASN D 94 -14.86 18.57 -18.54
C ASN D 94 -14.18 18.01 -19.79
N TRP D 95 -14.70 18.32 -20.98
CA TRP D 95 -14.03 17.90 -22.23
C TRP D 95 -12.94 18.92 -22.57
N PRO D 96 -11.66 18.52 -22.74
CA PRO D 96 -11.32 17.23 -23.32
C PRO D 96 -11.12 16.16 -22.23
N ARG D 97 -11.21 14.89 -22.62
CA ARG D 97 -10.98 13.78 -21.65
C ARG D 97 -9.47 13.70 -21.40
N THR D 98 -8.96 14.57 -20.53
CA THR D 98 -7.51 14.62 -20.32
C THR D 98 -7.03 13.40 -19.54
N PHE D 99 -5.77 13.04 -19.77
CA PHE D 99 -5.12 11.93 -19.11
C PHE D 99 -3.95 12.41 -18.28
N GLY D 100 -3.57 11.62 -17.29
CA GLY D 100 -2.28 11.78 -16.67
C GLY D 100 -1.18 11.22 -17.55
N GLN D 101 0.06 11.56 -17.21
CA GLN D 101 1.18 11.12 -18.02
C GLN D 101 1.67 9.72 -17.66
N GLY D 102 1.07 9.07 -16.68
CA GLY D 102 1.39 7.69 -16.41
C GLY D 102 2.32 7.52 -15.23
N THR D 103 2.10 6.44 -14.48
CA THR D 103 3.01 5.99 -13.43
C THR D 103 3.39 4.55 -13.71
N LYS D 104 4.69 4.30 -13.81
CA LYS D 104 5.21 2.99 -14.17
C LYS D 104 5.56 2.22 -12.90
N VAL D 105 4.92 1.07 -12.71
CA VAL D 105 5.21 0.20 -11.58
C VAL D 105 6.24 -0.83 -12.03
N GLU D 106 7.45 -0.72 -11.49
CA GLU D 106 8.57 -1.58 -11.84
C GLU D 106 8.64 -2.75 -10.86
N ILE D 107 9.43 -3.75 -11.24
CA ILE D 107 9.75 -4.88 -10.37
C ILE D 107 11.11 -4.60 -9.76
N LYS D 108 11.13 -4.36 -8.46
CA LYS D 108 12.38 -4.22 -7.73
C LYS D 108 13.08 -5.56 -7.66
N ARG D 109 14.40 -5.55 -7.82
CA ARG D 109 15.07 -6.81 -8.09
C ARG D 109 16.52 -6.68 -7.64
N THR D 110 17.16 -7.82 -7.40
CA THR D 110 18.55 -7.84 -6.94
C THR D 110 19.47 -7.14 -7.93
N VAL D 111 20.37 -6.30 -7.43
CA VAL D 111 21.24 -5.51 -8.30
C VAL D 111 22.11 -6.43 -9.14
N ALA D 112 22.09 -6.22 -10.46
CA ALA D 112 22.84 -7.04 -11.40
C ALA D 112 23.64 -6.14 -12.33
N ALA D 113 24.94 -6.39 -12.41
CA ALA D 113 25.81 -5.65 -13.31
C ALA D 113 25.61 -6.11 -14.75
N PRO D 114 25.76 -5.21 -15.72
CA PRO D 114 25.56 -5.58 -17.12
C PRO D 114 26.79 -6.27 -17.71
N SER D 115 26.51 -7.16 -18.66
CA SER D 115 27.56 -7.68 -19.54
C SER D 115 27.76 -6.70 -20.68
N VAL D 116 29.02 -6.34 -20.94
CA VAL D 116 29.33 -5.24 -21.85
C VAL D 116 30.01 -5.81 -23.09
N PHE D 117 29.49 -5.45 -24.27
CA PHE D 117 30.05 -5.87 -25.54
C PHE D 117 30.12 -4.67 -26.47
N ILE D 118 31.21 -4.56 -27.22
CA ILE D 118 31.40 -3.51 -28.20
C ILE D 118 31.53 -4.15 -29.58
N PHE D 119 30.98 -3.48 -30.59
CA PHE D 119 30.95 -4.00 -31.95
C PHE D 119 31.51 -2.96 -32.91
N PRO D 120 32.58 -3.27 -33.64
CA PRO D 120 33.12 -2.32 -34.61
C PRO D 120 32.25 -2.28 -35.85
N PRO D 121 32.37 -1.22 -36.67
CA PRO D 121 31.59 -1.16 -37.91
C PRO D 121 31.93 -2.32 -38.83
N SER D 122 30.91 -2.84 -39.52
CA SER D 122 31.11 -3.95 -40.42
C SER D 122 31.77 -3.51 -41.72
N ASP D 123 32.47 -4.45 -42.36
CA ASP D 123 33.13 -4.14 -43.63
C ASP D 123 32.11 -3.83 -44.72
N GLU D 124 30.97 -4.53 -44.71
CA GLU D 124 29.92 -4.23 -45.68
C GLU D 124 29.41 -2.80 -45.52
N GLN D 125 29.25 -2.35 -44.28
CA GLN D 125 28.84 -0.97 -44.04
C GLN D 125 29.95 0.01 -44.41
N LEU D 126 31.21 -0.38 -44.21
CA LEU D 126 32.32 0.51 -44.51
C LEU D 126 32.43 0.83 -46.00
N LYS D 127 31.85 -0.01 -46.87
CA LYS D 127 31.74 0.35 -48.27
C LYS D 127 30.87 1.59 -48.44
N SER D 128 29.80 1.69 -47.67
CA SER D 128 29.04 2.93 -47.59
C SER D 128 29.85 3.97 -46.80
N GLY D 129 29.45 5.23 -46.98
CA GLY D 129 30.19 6.32 -46.36
C GLY D 129 29.85 6.59 -44.91
N THR D 130 29.35 5.56 -44.21
CA THR D 130 28.98 5.70 -42.81
C THR D 130 29.63 4.60 -41.99
N ALA D 131 29.84 4.88 -40.70
CA ALA D 131 30.42 3.91 -39.77
C ALA D 131 29.66 4.01 -38.46
N SER D 132 29.10 2.89 -38.01
CA SER D 132 28.32 2.82 -36.78
C SER D 132 29.01 1.92 -35.78
N VAL D 133 29.18 2.42 -34.55
CA VAL D 133 29.80 1.67 -33.46
C VAL D 133 28.73 1.44 -32.41
N VAL D 134 28.47 0.17 -32.11
CA VAL D 134 27.42 -0.23 -31.18
C VAL D 134 28.04 -0.80 -29.93
N CYS D 135 27.58 -0.33 -28.77
CA CYS D 135 28.02 -0.84 -27.47
C CYS D 135 26.81 -1.46 -26.77
N LEU D 136 26.94 -2.71 -26.36
CA LEU D 136 25.83 -3.47 -25.80
C LEU D 136 25.96 -3.58 -24.29
N LEU D 137 24.92 -3.16 -23.58
CA LEU D 137 24.78 -3.40 -22.14
C LEU D 137 23.66 -4.41 -21.97
N ASN D 138 23.96 -5.54 -21.36
CA ASN D 138 23.09 -6.71 -21.40
C ASN D 138 22.68 -7.11 -19.98
N ASN D 139 21.37 -7.16 -19.74
CA ASN D 139 20.77 -7.80 -18.56
C ASN D 139 21.30 -7.19 -17.25
N PHE D 140 20.95 -5.93 -17.03
CA PHE D 140 21.34 -5.22 -15.82
C PHE D 140 20.11 -4.68 -15.10
N TYR D 141 20.28 -4.42 -13.80
CA TYR D 141 19.18 -3.85 -12.99
C TYR D 141 19.79 -3.14 -11.77
N PRO D 142 19.61 -1.81 -11.60
CA PRO D 142 18.40 -1.11 -12.08
C PRO D 142 18.56 -0.58 -13.50
N ARG D 143 17.62 0.26 -13.94
CA ARG D 143 17.68 0.81 -15.29
C ARG D 143 18.66 1.96 -15.41
N GLU D 144 19.02 2.61 -14.30
CA GLU D 144 19.93 3.74 -14.33
C GLU D 144 21.34 3.29 -14.71
N ALA D 145 21.86 3.83 -15.81
CA ALA D 145 23.21 3.51 -16.25
C ALA D 145 23.76 4.68 -17.06
N LYS D 146 25.08 4.83 -17.04
CA LYS D 146 25.76 5.87 -17.79
C LYS D 146 26.68 5.23 -18.83
N VAL D 147 26.61 5.74 -20.06
CA VAL D 147 27.43 5.26 -21.17
C VAL D 147 28.17 6.46 -21.73
N GLN D 148 29.50 6.43 -21.66
CA GLN D 148 30.36 7.49 -22.17
C GLN D 148 31.20 6.95 -23.31
N TRP D 149 31.16 7.62 -24.45
CA TRP D 149 31.94 7.24 -25.62
C TRP D 149 33.23 8.03 -25.65
N LYS D 150 34.32 7.37 -26.05
CA LYS D 150 35.63 8.01 -26.15
C LYS D 150 36.32 7.55 -27.43
N VAL D 151 36.77 8.53 -28.22
CA VAL D 151 37.55 8.27 -29.43
C VAL D 151 38.96 8.78 -29.18
N ASP D 152 39.94 7.88 -29.28
CA ASP D 152 41.34 8.18 -28.94
C ASP D 152 41.44 8.81 -27.55
N ASN D 153 40.69 8.23 -26.61
CA ASN D 153 40.65 8.69 -25.22
C ASN D 153 40.20 10.15 -25.11
N ALA D 154 39.29 10.56 -25.99
CA ALA D 154 38.66 11.88 -25.93
C ALA D 154 37.17 11.70 -26.07
N LEU D 155 36.42 12.07 -25.03
CA LEU D 155 34.98 11.89 -25.10
C LEU D 155 34.37 12.94 -26.01
N GLN D 156 33.16 12.62 -26.50
CA GLN D 156 32.41 13.51 -27.36
C GLN D 156 30.93 13.22 -27.16
N SER D 157 30.08 14.17 -27.55
CA SER D 157 28.67 14.06 -27.27
C SER D 157 27.87 14.60 -28.44
N GLY D 158 26.59 14.20 -28.49
CA GLY D 158 25.69 14.60 -29.54
C GLY D 158 25.69 13.69 -30.76
N ASN D 159 26.62 12.74 -30.83
CA ASN D 159 26.70 11.80 -31.95
C ASN D 159 26.39 10.38 -31.54
N SER D 160 25.72 10.19 -30.41
CA SER D 160 25.37 8.87 -29.90
C SER D 160 23.90 8.85 -29.48
N GLN D 161 23.24 7.73 -29.75
CA GLN D 161 21.84 7.54 -29.40
C GLN D 161 21.68 6.28 -28.57
N GLU D 162 20.72 6.30 -27.66
CA GLU D 162 20.49 5.22 -26.72
C GLU D 162 19.12 4.58 -26.96
N SER D 163 19.02 3.30 -26.61
CA SER D 163 17.76 2.57 -26.67
C SER D 163 17.79 1.47 -25.63
N VAL D 164 16.69 1.33 -24.89
CA VAL D 164 16.58 0.38 -23.79
C VAL D 164 15.37 -0.52 -24.04
N THR D 165 15.52 -1.79 -23.73
CA THR D 165 14.40 -2.73 -23.82
C THR D 165 13.46 -2.55 -22.63
N GLU D 166 12.26 -3.12 -22.76
CA GLU D 166 11.34 -3.18 -21.65
C GLU D 166 11.87 -4.16 -20.61
N GLN D 167 11.40 -4.01 -19.37
CA GLN D 167 11.84 -4.93 -18.32
C GLN D 167 11.52 -6.36 -18.69
N ASP D 168 12.53 -7.21 -18.65
CA ASP D 168 12.38 -8.58 -19.12
C ASP D 168 11.42 -9.36 -18.23
N SER D 169 10.65 -10.25 -18.86
CA SER D 169 9.64 -11.01 -18.14
C SER D 169 10.21 -12.22 -17.41
N LYS D 170 11.50 -12.53 -17.57
CA LYS D 170 12.09 -13.65 -16.87
C LYS D 170 12.98 -13.20 -15.71
N ASP D 171 14.01 -12.42 -16.00
CA ASP D 171 14.96 -11.99 -14.99
C ASP D 171 14.81 -10.53 -14.59
N SER D 172 13.73 -9.87 -15.06
CA SER D 172 13.40 -8.51 -14.66
C SER D 172 14.56 -7.54 -14.90
N THR D 173 15.38 -7.84 -15.90
CA THR D 173 16.54 -7.03 -16.23
C THR D 173 16.21 -6.06 -17.36
N TYR D 174 17.13 -5.13 -17.59
CA TYR D 174 17.08 -4.25 -18.74
C TYR D 174 18.31 -4.48 -19.60
N SER D 175 18.18 -4.14 -20.88
CA SER D 175 19.30 -4.15 -21.81
C SER D 175 19.32 -2.84 -22.58
N LEU D 176 20.51 -2.28 -22.74
CA LEU D 176 20.69 -0.97 -23.34
C LEU D 176 21.68 -1.06 -24.49
N SER D 177 21.42 -0.32 -25.56
CA SER D 177 22.30 -0.25 -26.71
C SER D 177 22.59 1.21 -27.02
N SER D 178 23.87 1.54 -27.11
CA SER D 178 24.32 2.88 -27.49
C SER D 178 25.06 2.78 -28.82
N THR D 179 24.70 3.65 -29.75
CA THR D 179 25.24 3.62 -31.11
C THR D 179 25.96 4.93 -31.39
N LEU D 180 27.24 4.84 -31.71
CA LEU D 180 28.05 6.00 -32.12
C LEU D 180 28.12 6.01 -33.64
N THR D 181 27.63 7.09 -34.23
CA THR D 181 27.57 7.23 -35.69
C THR D 181 28.56 8.29 -36.14
N LEU D 182 29.49 7.90 -37.00
CA LEU D 182 30.50 8.80 -37.55
C LEU D 182 30.60 8.58 -39.04
N SER D 183 31.10 9.61 -39.74
CA SER D 183 31.42 9.45 -41.14
C SER D 183 32.63 8.53 -41.31
N LYS D 184 32.74 7.93 -42.49
CA LYS D 184 33.88 7.06 -42.76
C LYS D 184 35.19 7.83 -42.68
N ALA D 185 35.20 9.09 -43.09
CA ALA D 185 36.39 9.92 -42.98
C ALA D 185 36.78 10.14 -41.52
N ASP D 186 35.81 10.50 -40.69
CA ASP D 186 36.09 10.70 -39.26
C ASP D 186 36.45 9.39 -38.58
N TYR D 187 35.82 8.28 -39.00
CA TYR D 187 36.10 7.00 -38.37
C TYR D 187 37.54 6.55 -38.57
N GLU D 188 38.06 6.69 -39.78
CA GLU D 188 39.37 6.15 -40.12
C GLU D 188 40.52 7.11 -39.78
N LYS D 189 40.24 8.21 -39.09
CA LYS D 189 41.29 9.09 -38.61
C LYS D 189 41.52 8.99 -37.11
N HIS D 190 40.70 8.22 -36.40
CA HIS D 190 40.90 7.94 -34.98
C HIS D 190 41.07 6.44 -34.78
N LYS D 191 41.94 6.06 -33.84
CA LYS D 191 42.51 4.72 -33.83
C LYS D 191 42.20 3.88 -32.60
N VAL D 192 41.42 4.39 -31.64
CA VAL D 192 40.81 3.54 -30.62
C VAL D 192 39.40 4.06 -30.37
N TYR D 193 38.47 3.13 -30.09
CA TYR D 193 37.08 3.47 -29.84
C TYR D 193 36.63 2.71 -28.59
N ALA D 194 36.36 3.45 -27.52
CA ALA D 194 36.07 2.87 -26.22
C ALA D 194 34.67 3.24 -25.75
N CYS D 195 34.02 2.30 -25.05
CA CYS D 195 32.69 2.49 -24.48
C CYS D 195 32.79 2.29 -22.98
N GLU D 196 32.58 3.36 -22.22
CA GLU D 196 32.66 3.34 -20.77
C GLU D 196 31.26 3.20 -20.17
N VAL D 197 31.10 2.26 -19.25
CA VAL D 197 29.81 1.95 -18.64
C VAL D 197 29.91 2.14 -17.14
N THR D 198 29.01 2.96 -16.59
CA THR D 198 28.90 3.18 -15.16
C THR D 198 27.58 2.62 -14.66
N HIS D 199 27.63 1.90 -13.54
CA HIS D 199 26.44 1.26 -13.02
C HIS D 199 26.55 1.10 -11.51
N GLN D 200 25.39 0.89 -10.87
CA GLN D 200 25.36 0.63 -9.43
C GLN D 200 25.95 -0.74 -9.11
N GLY D 201 25.74 -1.73 -9.98
CA GLY D 201 26.31 -3.05 -9.79
C GLY D 201 27.77 -3.17 -10.17
N LEU D 202 28.38 -2.12 -10.69
CA LEU D 202 29.78 -2.10 -11.05
C LEU D 202 30.55 -1.26 -10.03
N SER D 203 31.51 -1.90 -9.35
CA SER D 203 32.33 -1.16 -8.38
C SER D 203 33.13 -0.07 -9.05
N SER D 204 33.70 -0.36 -10.22
CA SER D 204 34.39 0.62 -11.04
C SER D 204 33.84 0.56 -12.45
N PRO D 205 33.81 1.68 -13.17
CA PRO D 205 33.26 1.68 -14.53
C PRO D 205 34.00 0.71 -15.43
N VAL D 206 33.23 0.02 -16.28
CA VAL D 206 33.77 -0.98 -17.21
C VAL D 206 33.89 -0.35 -18.58
N THR D 207 35.05 -0.50 -19.21
CA THR D 207 35.32 0.03 -20.53
C THR D 207 35.70 -1.11 -21.47
N LYS D 208 35.01 -1.20 -22.61
CA LYS D 208 35.38 -2.10 -23.69
C LYS D 208 35.84 -1.27 -24.87
N SER D 209 36.81 -1.81 -25.61
CA SER D 209 37.36 -1.04 -26.73
C SER D 209 37.99 -1.98 -27.74
N PHE D 210 38.10 -1.49 -28.97
CA PHE D 210 38.88 -2.08 -30.04
C PHE D 210 39.73 -0.97 -30.64
N ASN D 211 40.90 -1.32 -31.18
CA ASN D 211 41.73 -0.22 -31.64
C ASN D 211 41.28 0.23 -33.02
N ARG D 212 41.62 -0.56 -34.05
CA ARG D 212 40.96 -0.53 -35.36
C ARG D 212 41.54 -1.65 -36.22
N GLY D 213 40.68 -2.45 -36.83
CA GLY D 213 41.17 -3.56 -37.64
C GLY D 213 41.98 -4.56 -36.86
N GLU D 214 41.51 -4.92 -35.66
CA GLU D 214 42.22 -5.81 -34.76
C GLU D 214 43.61 -5.28 -34.44
N GLU E 1 -17.66 -13.09 -29.39
CA GLU E 1 -16.44 -12.48 -28.88
C GLU E 1 -16.35 -11.01 -29.30
N VAL E 2 -16.25 -10.13 -28.30
CA VAL E 2 -16.11 -8.71 -28.57
C VAL E 2 -14.79 -8.46 -29.29
N GLN E 3 -14.79 -7.50 -30.21
CA GLN E 3 -13.61 -7.29 -31.04
C GLN E 3 -13.70 -5.95 -31.76
N LEU E 4 -12.60 -5.22 -31.77
CA LEU E 4 -12.49 -3.92 -32.43
C LEU E 4 -11.24 -3.92 -33.31
N VAL E 5 -11.43 -3.74 -34.62
CA VAL E 5 -10.36 -3.85 -35.60
C VAL E 5 -10.21 -2.52 -36.32
N GLU E 6 -9.14 -1.78 -36.00
CA GLU E 6 -8.82 -0.56 -36.72
C GLU E 6 -8.12 -0.89 -38.02
N SER E 7 -8.33 -0.04 -39.02
CA SER E 7 -7.63 -0.13 -40.30
C SER E 7 -7.69 1.22 -40.99
N GLY E 8 -6.85 1.38 -41.99
CA GLY E 8 -6.79 2.62 -42.74
C GLY E 8 -5.63 3.54 -42.39
N GLY E 9 -4.70 3.09 -41.55
CA GLY E 9 -3.56 3.89 -41.19
C GLY E 9 -2.44 3.78 -42.22
N GLY E 10 -1.27 4.26 -41.83
CA GLY E 10 -0.11 4.20 -42.70
C GLY E 10 0.74 5.44 -42.70
N LEU E 11 1.31 5.76 -43.86
CA LEU E 11 2.26 6.86 -44.01
C LEU E 11 1.71 7.89 -45.00
N VAL E 12 1.65 9.15 -44.58
CA VAL E 12 1.12 10.23 -45.39
C VAL E 12 2.08 11.41 -45.33
N GLN E 13 2.12 12.18 -46.42
CA GLN E 13 2.94 13.38 -46.46
C GLN E 13 2.31 14.48 -45.61
N PRO E 14 3.12 15.43 -45.12
CA PRO E 14 2.57 16.54 -44.35
C PRO E 14 1.54 17.32 -45.16
N GLY E 15 0.44 17.68 -44.51
CA GLY E 15 -0.67 18.31 -45.17
C GLY E 15 -1.62 17.36 -45.87
N GLY E 16 -1.32 16.07 -45.90
CA GLY E 16 -2.17 15.09 -46.51
C GLY E 16 -3.30 14.66 -45.59
N SER E 17 -4.12 13.74 -46.10
CA SER E 17 -5.30 13.28 -45.39
C SER E 17 -5.35 11.76 -45.36
N LEU E 18 -5.88 11.22 -44.27
CA LEU E 18 -6.10 9.80 -44.11
C LEU E 18 -7.46 9.59 -43.47
N ARG E 19 -8.05 8.42 -43.72
CA ARG E 19 -9.35 8.06 -43.15
C ARG E 19 -9.23 6.72 -42.45
N LEU E 20 -9.43 6.72 -41.13
CA LEU E 20 -9.37 5.51 -40.34
C LEU E 20 -10.78 4.94 -40.15
N SER E 21 -10.90 3.62 -40.25
CA SER E 21 -12.17 2.93 -40.07
C SER E 21 -12.02 1.86 -39.01
N CYS E 22 -13.02 1.75 -38.14
CA CYS E 22 -13.02 0.80 -37.03
C CYS E 22 -14.21 -0.13 -37.19
N ALA E 23 -13.94 -1.42 -37.36
CA ALA E 23 -14.98 -2.43 -37.53
C ALA E 23 -15.24 -3.11 -36.19
N ALA E 24 -16.49 -3.08 -35.74
CA ALA E 24 -16.88 -3.60 -34.44
C ALA E 24 -17.70 -4.87 -34.60
N SER E 25 -17.41 -5.86 -33.76
CA SER E 25 -18.15 -7.11 -33.78
C SER E 25 -18.19 -7.69 -32.36
N GLY E 26 -19.18 -8.56 -32.14
CA GLY E 26 -19.31 -9.24 -30.87
C GLY E 26 -20.16 -8.55 -29.83
N PHE E 27 -20.71 -7.38 -30.13
CA PHE E 27 -21.51 -6.64 -29.17
C PHE E 27 -22.46 -5.71 -29.91
N ALA E 28 -23.42 -5.17 -29.18
CA ALA E 28 -24.41 -4.23 -29.73
C ALA E 28 -23.74 -2.87 -29.90
N PHE E 29 -23.07 -2.70 -31.05
CA PHE E 29 -22.34 -1.47 -31.32
C PHE E 29 -23.27 -0.27 -31.38
N SER E 30 -24.49 -0.47 -31.90
CA SER E 30 -25.41 0.65 -32.10
C SER E 30 -25.90 1.26 -30.80
N THR E 31 -25.70 0.60 -29.66
CA THR E 31 -26.10 1.13 -28.36
C THR E 31 -24.92 1.63 -27.54
N TYR E 32 -23.78 1.88 -28.19
CA TYR E 32 -22.57 2.26 -27.49
C TYR E 32 -22.03 3.61 -27.97
N GLU E 33 -21.38 4.29 -27.04
CA GLU E 33 -20.67 5.52 -27.30
C GLU E 33 -19.23 5.19 -27.70
N MET E 34 -18.75 5.81 -28.78
CA MET E 34 -17.45 5.48 -29.33
C MET E 34 -16.52 6.68 -29.24
N ASN E 35 -15.22 6.38 -29.12
CA ASN E 35 -14.19 7.40 -28.98
C ASN E 35 -12.96 6.98 -29.78
N TRP E 36 -12.10 7.97 -30.06
CA TRP E 36 -10.79 7.75 -30.64
C TRP E 36 -9.73 8.30 -29.71
N VAL E 37 -8.69 7.51 -29.46
CA VAL E 37 -7.61 7.89 -28.57
C VAL E 37 -6.28 7.61 -29.26
N ARG E 38 -5.40 8.61 -29.29
CA ARG E 38 -4.06 8.43 -29.85
C ARG E 38 -3.06 8.13 -28.76
N GLN E 39 -1.90 7.64 -29.18
CA GLN E 39 -0.75 7.50 -28.28
C GLN E 39 0.51 7.66 -29.11
N ALA E 40 1.26 8.73 -28.86
CA ALA E 40 2.48 8.97 -29.60
C ALA E 40 3.56 7.95 -29.22
N PRO E 41 4.51 7.68 -30.11
CA PRO E 41 5.57 6.72 -29.79
C PRO E 41 6.36 7.14 -28.56
N GLY E 42 6.29 6.32 -27.52
CA GLY E 42 6.99 6.60 -26.28
C GLY E 42 6.34 7.65 -25.39
N LYS E 43 5.09 8.03 -25.67
CA LYS E 43 4.39 9.05 -24.91
C LYS E 43 3.12 8.47 -24.30
N GLY E 44 2.33 9.34 -23.68
CA GLY E 44 1.11 8.92 -23.01
C GLY E 44 -0.10 8.95 -23.92
N LEU E 45 -1.26 8.69 -23.32
CA LEU E 45 -2.52 8.65 -24.05
C LEU E 45 -3.06 10.07 -24.27
N GLU E 46 -3.91 10.19 -25.28
CA GLU E 46 -4.58 11.47 -25.57
C GLU E 46 -5.89 11.18 -26.28
N TRP E 47 -7.00 11.61 -25.68
CA TRP E 47 -8.31 11.49 -26.30
C TRP E 47 -8.39 12.39 -27.53
N VAL E 48 -8.96 11.85 -28.61
CA VAL E 48 -9.03 12.55 -29.90
C VAL E 48 -10.45 13.05 -30.18
N SER E 49 -11.43 12.15 -30.18
CA SER E 49 -12.79 12.52 -30.53
C SER E 49 -13.79 11.62 -29.82
N TYR E 50 -15.03 12.09 -29.76
CA TYR E 50 -16.13 11.37 -29.13
C TYR E 50 -17.35 11.44 -30.04
N ILE E 51 -18.12 10.35 -30.07
CA ILE E 51 -19.36 10.31 -30.84
C ILE E 51 -20.41 9.54 -30.05
N HIS E 52 -21.65 10.03 -30.11
CA HIS E 52 -22.77 9.40 -29.42
C HIS E 52 -23.21 8.14 -30.16
N ASN E 53 -23.95 7.29 -29.45
CA ASN E 53 -24.55 6.14 -30.12
C ASN E 53 -25.56 6.58 -31.17
N SER E 54 -26.27 7.67 -30.88
CA SER E 54 -27.06 8.34 -31.91
C SER E 54 -26.18 9.10 -32.90
N GLY E 55 -24.93 9.42 -32.50
CA GLY E 55 -24.05 10.21 -33.33
C GLY E 55 -24.40 11.68 -33.36
N ASN E 56 -25.33 12.12 -32.52
CA ASN E 56 -25.88 13.47 -32.61
C ASN E 56 -24.93 14.50 -31.98
N PRO E 57 -24.39 14.27 -30.79
CA PRO E 57 -23.27 15.11 -30.34
C PRO E 57 -21.92 14.53 -30.78
N VAL E 58 -21.01 15.43 -31.16
CA VAL E 58 -19.64 15.07 -31.46
C VAL E 58 -18.71 16.09 -30.81
N TYR E 59 -17.62 15.60 -30.21
CA TYR E 59 -16.63 16.45 -29.57
C TYR E 59 -15.25 16.04 -30.04
N TYR E 60 -14.36 17.03 -30.20
CA TYR E 60 -13.03 16.79 -30.71
C TYR E 60 -11.98 17.36 -29.75
N ALA E 61 -10.82 16.72 -29.74
CA ALA E 61 -9.68 17.29 -29.03
C ALA E 61 -9.38 18.66 -29.60
N ASP E 62 -9.00 19.59 -28.72
CA ASP E 62 -8.94 20.98 -29.11
C ASP E 62 -7.77 21.27 -30.05
N SER E 63 -6.89 20.29 -30.28
CA SER E 63 -5.83 20.41 -31.27
C SER E 63 -6.17 19.74 -32.60
N VAL E 64 -7.38 19.20 -32.74
CA VAL E 64 -7.78 18.54 -33.98
C VAL E 64 -9.09 19.15 -34.49
N LYS E 65 -9.55 20.21 -33.84
CA LYS E 65 -10.76 20.88 -34.29
C LYS E 65 -10.52 21.55 -35.64
N GLY E 66 -11.50 21.42 -36.53
CA GLY E 66 -11.40 21.95 -37.87
C GLY E 66 -10.67 21.08 -38.85
N ARG E 67 -10.00 20.03 -38.39
CA ARG E 67 -9.26 19.10 -39.24
C ARG E 67 -9.86 17.70 -39.26
N PHE E 68 -10.22 17.17 -38.11
CA PHE E 68 -10.79 15.83 -38.00
C PHE E 68 -12.31 15.90 -37.96
N THR E 69 -12.95 14.81 -38.38
CA THR E 69 -14.40 14.69 -38.31
C THR E 69 -14.77 13.23 -38.12
N ILE E 70 -15.46 12.94 -37.03
CA ILE E 70 -15.79 11.58 -36.64
C ILE E 70 -17.19 11.24 -37.12
N SER E 71 -17.40 9.97 -37.48
CA SER E 71 -18.69 9.51 -37.98
C SER E 71 -18.83 8.02 -37.69
N ARG E 72 -20.05 7.52 -37.83
CA ARG E 72 -20.34 6.14 -37.50
C ARG E 72 -21.47 5.62 -38.38
N ASP E 73 -21.58 4.30 -38.45
CA ASP E 73 -22.65 3.63 -39.19
C ASP E 73 -23.11 2.46 -38.33
N ASN E 74 -24.21 2.66 -37.60
CA ASN E 74 -24.73 1.61 -36.72
C ASN E 74 -25.17 0.39 -37.51
N ALA E 75 -25.77 0.61 -38.68
CA ALA E 75 -26.21 -0.52 -39.51
C ALA E 75 -25.03 -1.37 -39.95
N GLU E 76 -23.92 -0.74 -40.33
CA GLU E 76 -22.74 -1.44 -40.79
C GLU E 76 -21.73 -1.72 -39.69
N ASN E 77 -22.01 -1.28 -38.45
CA ASN E 77 -21.17 -1.57 -37.29
C ASN E 77 -19.73 -1.09 -37.51
N SER E 78 -19.59 0.15 -37.96
CA SER E 78 -18.28 0.71 -38.26
C SER E 78 -18.19 2.14 -37.75
N LEU E 79 -16.99 2.51 -37.28
CA LEU E 79 -16.68 3.85 -36.83
C LEU E 79 -15.56 4.42 -37.70
N TYR E 80 -15.63 5.72 -37.97
CA TYR E 80 -14.72 6.35 -38.91
C TYR E 80 -14.11 7.60 -38.27
N LEU E 81 -12.94 7.98 -38.76
CA LEU E 81 -12.34 9.25 -38.36
C LEU E 81 -11.65 9.79 -39.60
N GLN E 82 -12.21 10.85 -40.20
CA GLN E 82 -11.60 11.50 -41.36
C GLN E 82 -10.60 12.55 -40.88
N MET E 83 -9.32 12.31 -41.15
CA MET E 83 -8.24 13.20 -40.72
C MET E 83 -7.72 13.98 -41.93
N ASN E 84 -7.77 15.31 -41.84
CA ASN E 84 -7.26 16.16 -42.90
C ASN E 84 -6.24 17.13 -42.33
N SER E 85 -5.40 17.67 -43.21
CA SER E 85 -4.35 18.62 -42.84
C SER E 85 -3.47 18.04 -41.74
N LEU E 86 -3.03 16.80 -41.95
CA LEU E 86 -2.27 16.08 -40.93
C LEU E 86 -0.90 16.72 -40.73
N ARG E 87 -0.58 17.04 -39.49
CA ARG E 87 0.74 17.54 -39.12
C ARG E 87 1.59 16.39 -38.59
N ALA E 88 2.87 16.68 -38.39
CA ALA E 88 3.79 15.66 -37.87
C ALA E 88 3.50 15.30 -36.42
N GLU E 89 2.85 16.17 -35.66
CA GLU E 89 2.55 15.85 -34.27
C GLU E 89 1.43 14.84 -34.14
N ASP E 90 0.64 14.65 -35.21
CA ASP E 90 -0.40 13.63 -35.22
C ASP E 90 0.17 12.22 -35.32
N THR E 91 1.49 12.08 -35.47
CA THR E 91 2.12 10.77 -35.52
C THR E 91 1.89 10.02 -34.21
N ALA E 92 1.07 8.97 -34.27
CA ALA E 92 0.68 8.23 -33.08
C ALA E 92 -0.08 6.98 -33.51
N ILE E 93 -0.23 6.05 -32.57
CA ILE E 93 -1.15 4.93 -32.74
C ILE E 93 -2.54 5.38 -32.32
N TYR E 94 -3.51 5.22 -33.21
CA TYR E 94 -4.87 5.68 -32.97
C TYR E 94 -5.74 4.49 -32.57
N TYR E 95 -6.29 4.54 -31.36
CA TYR E 95 -7.10 3.45 -30.82
C TYR E 95 -8.58 3.72 -31.04
N CYS E 96 -9.33 2.65 -31.30
CA CYS E 96 -10.79 2.69 -31.35
C CYS E 96 -11.31 2.17 -30.01
N ALA E 97 -12.04 3.02 -29.29
CA ALA E 97 -12.37 2.75 -27.89
C ALA E 97 -13.88 2.71 -27.70
N ARG E 98 -14.33 1.77 -26.88
CA ARG E 98 -15.73 1.64 -26.51
C ARG E 98 -15.92 2.19 -25.10
N ALA E 99 -16.87 3.11 -24.95
CA ALA E 99 -17.12 3.76 -23.66
C ALA E 99 -18.20 3.01 -22.89
N LEU E 100 -18.02 2.94 -21.57
CA LEU E 100 -19.08 2.42 -20.71
C LEU E 100 -20.35 3.19 -20.99
N ARG E 101 -21.44 2.46 -21.20
CA ARG E 101 -22.66 3.06 -21.75
C ARG E 101 -23.16 4.22 -20.90
N TYR E 102 -23.05 5.42 -21.50
CA TYR E 102 -23.54 6.68 -20.97
C TYR E 102 -22.71 7.17 -19.78
N SER E 103 -21.42 6.86 -19.83
CA SER E 103 -20.38 7.58 -19.09
C SER E 103 -19.58 8.52 -19.99
N THR E 104 -19.55 8.22 -21.29
CA THR E 104 -18.95 9.01 -22.37
C THR E 104 -17.43 8.97 -22.35
N SER E 105 -16.81 8.45 -21.30
CA SER E 105 -15.36 8.48 -21.26
C SER E 105 -14.67 7.30 -20.60
N TRP E 106 -15.37 6.27 -20.12
CA TRP E 106 -14.65 5.15 -19.52
C TRP E 106 -14.60 4.04 -20.55
N TYR E 107 -13.41 3.76 -21.04
CA TYR E 107 -13.21 2.96 -22.24
C TYR E 107 -13.22 1.48 -21.89
N ASP E 108 -14.34 0.82 -22.21
CA ASP E 108 -14.49 -0.60 -21.91
C ASP E 108 -13.46 -1.41 -22.68
N TYR E 109 -13.50 -1.35 -24.00
CA TYR E 109 -12.74 -2.24 -24.85
C TYR E 109 -12.04 -1.44 -25.93
N TRP E 110 -10.85 -1.90 -26.32
CA TRP E 110 -10.00 -1.20 -27.25
C TRP E 110 -9.62 -2.13 -28.39
N GLY E 111 -9.25 -1.52 -29.52
CA GLY E 111 -8.63 -2.26 -30.60
C GLY E 111 -7.12 -2.37 -30.39
N GLN E 112 -6.49 -3.10 -31.31
CA GLN E 112 -5.04 -3.24 -31.25
C GLN E 112 -4.34 -1.93 -31.60
N GLY E 113 -4.99 -1.05 -32.33
CA GLY E 113 -4.41 0.22 -32.72
C GLY E 113 -3.80 0.16 -34.09
N THR E 114 -3.82 1.30 -34.78
CA THR E 114 -3.18 1.46 -36.08
C THR E 114 -2.26 2.67 -36.04
N LEU E 115 -1.09 2.53 -36.66
CA LEU E 115 -0.05 3.55 -36.56
C LEU E 115 -0.20 4.56 -37.69
N VAL E 116 -0.47 5.81 -37.34
CA VAL E 116 -0.49 6.92 -38.29
C VAL E 116 0.80 7.70 -38.12
N THR E 117 1.56 7.82 -39.20
CA THR E 117 2.83 8.56 -39.18
C THR E 117 2.81 9.59 -40.29
N VAL E 118 2.97 10.86 -39.92
CA VAL E 118 2.95 11.98 -40.85
C VAL E 118 4.36 12.55 -40.92
N SER E 119 5.00 12.39 -42.08
CA SER E 119 6.35 12.90 -42.28
C SER E 119 6.59 13.04 -43.77
N SER E 120 7.56 13.91 -44.10
CA SER E 120 7.95 14.11 -45.49
C SER E 120 8.97 13.09 -45.97
N ALA E 121 9.52 12.27 -45.07
CA ALA E 121 10.49 11.26 -45.47
C ALA E 121 9.84 10.20 -46.33
N SER E 122 10.65 9.59 -47.20
CA SER E 122 10.19 8.61 -48.17
C SER E 122 10.41 7.19 -47.66
N THR E 123 9.51 6.30 -48.04
CA THR E 123 9.60 4.90 -47.67
C THR E 123 10.92 4.31 -48.15
N LYS E 124 11.68 3.71 -47.23
CA LYS E 124 12.98 3.14 -47.55
C LYS E 124 13.14 1.82 -46.83
N GLY E 125 13.89 0.91 -47.46
CA GLY E 125 14.19 -0.37 -46.88
C GLY E 125 15.45 -0.33 -46.04
N PRO E 126 15.48 -1.10 -44.95
CA PRO E 126 16.63 -1.08 -44.06
C PRO E 126 17.86 -1.70 -44.69
N SER E 127 19.02 -1.22 -44.25
CA SER E 127 20.30 -1.83 -44.56
C SER E 127 20.76 -2.60 -43.32
N VAL E 128 21.00 -3.90 -43.47
CA VAL E 128 21.27 -4.80 -42.35
C VAL E 128 22.75 -5.14 -42.36
N PHE E 129 23.45 -4.74 -41.29
CA PHE E 129 24.87 -5.00 -41.11
C PHE E 129 25.09 -5.90 -39.89
N PRO E 130 26.01 -6.84 -39.96
CA PRO E 130 26.19 -7.79 -38.84
C PRO E 130 27.08 -7.23 -37.74
N LEU E 131 26.76 -7.64 -36.51
CA LEU E 131 27.59 -7.37 -35.33
C LEU E 131 28.18 -8.71 -34.91
N ALA E 132 29.37 -9.01 -35.43
CA ALA E 132 29.96 -10.32 -35.22
C ALA E 132 30.39 -10.50 -33.76
N PRO E 133 30.35 -11.73 -33.26
CA PRO E 133 30.80 -11.97 -31.88
C PRO E 133 32.29 -11.68 -31.73
N SER E 134 32.66 -11.29 -30.51
CA SER E 134 34.04 -10.91 -30.24
C SER E 134 35.00 -12.07 -30.50
N SER E 135 36.06 -11.79 -31.26
CA SER E 135 37.07 -12.80 -31.51
C SER E 135 37.74 -13.20 -30.19
N LYS E 136 37.80 -14.50 -29.94
CA LYS E 136 38.31 -15.05 -28.68
C LYS E 136 37.49 -14.51 -27.50
N SER E 137 36.19 -14.79 -27.54
CA SER E 137 35.28 -14.25 -26.54
C SER E 137 35.57 -14.78 -25.14
N THR E 138 35.29 -16.05 -24.92
CA THR E 138 35.43 -16.77 -23.64
C THR E 138 35.37 -18.26 -23.95
N SER E 139 35.26 -19.07 -22.90
CA SER E 139 35.20 -20.52 -23.03
C SER E 139 33.82 -21.09 -22.79
N GLY E 140 33.14 -20.69 -21.71
CA GLY E 140 31.85 -21.27 -21.42
C GLY E 140 30.78 -20.36 -20.84
N GLY E 141 31.08 -19.08 -20.66
CA GLY E 141 30.10 -18.19 -20.04
C GLY E 141 29.01 -17.70 -20.98
N THR E 142 29.37 -16.84 -21.94
CA THR E 142 28.40 -16.22 -22.85
C THR E 142 29.09 -15.41 -23.96
N ALA E 143 28.56 -15.44 -25.18
CA ALA E 143 29.04 -14.57 -26.26
C ALA E 143 27.85 -13.88 -26.91
N ALA E 144 28.02 -12.60 -27.26
CA ALA E 144 26.95 -11.78 -27.78
C ALA E 144 27.18 -11.45 -29.25
N LEU E 145 26.10 -11.42 -30.02
CA LEU E 145 26.15 -11.10 -31.44
C LEU E 145 24.78 -10.61 -31.86
N GLY E 146 24.74 -9.97 -33.02
CA GLY E 146 23.47 -9.45 -33.50
C GLY E 146 23.59 -8.79 -34.85
N CYS E 147 22.47 -8.20 -35.28
CA CYS E 147 22.38 -7.42 -36.51
C CYS E 147 22.10 -5.96 -36.19
N LEU E 148 22.44 -5.11 -37.15
CA LEU E 148 22.22 -3.67 -37.05
C LEU E 148 21.30 -3.25 -38.19
N VAL E 149 20.04 -2.97 -37.85
CA VAL E 149 19.02 -2.59 -38.83
C VAL E 149 19.00 -1.06 -38.90
N LYS E 150 19.42 -0.52 -40.04
CA LYS E 150 19.67 0.92 -40.15
C LYS E 150 18.97 1.51 -41.37
N ASP E 151 18.46 2.73 -41.21
CA ASP E 151 17.97 3.57 -42.31
C ASP E 151 16.79 2.92 -43.04
N TYR E 152 15.71 2.72 -42.29
CA TYR E 152 14.41 2.33 -42.83
C TYR E 152 13.39 3.36 -42.36
N PHE E 153 12.55 3.84 -43.28
CA PHE E 153 11.67 4.88 -42.75
C PHE E 153 10.44 4.37 -41.98
N PRO E 154 9.49 3.65 -42.58
CA PRO E 154 8.27 3.32 -41.84
C PRO E 154 8.56 2.38 -40.69
N GLU E 155 8.02 2.71 -39.52
CA GLU E 155 8.52 2.14 -38.28
C GLU E 155 8.38 0.62 -38.19
N PRO E 156 7.24 -0.03 -38.52
CA PRO E 156 7.11 -1.46 -38.22
C PRO E 156 8.11 -2.34 -38.95
N VAL E 157 9.03 -2.94 -38.18
CA VAL E 157 10.00 -3.90 -38.68
C VAL E 157 9.94 -5.15 -37.83
N THR E 158 10.13 -6.30 -38.47
CA THR E 158 10.16 -7.59 -37.79
C THR E 158 11.59 -8.13 -37.88
N VAL E 159 12.17 -8.44 -36.73
CA VAL E 159 13.51 -9.01 -36.66
C VAL E 159 13.42 -10.32 -35.90
N SER E 160 13.59 -11.43 -36.61
CA SER E 160 13.62 -12.76 -36.03
C SER E 160 15.02 -13.35 -36.17
N TRP E 161 15.24 -14.46 -35.48
CA TRP E 161 16.53 -15.12 -35.45
C TRP E 161 16.34 -16.59 -35.76
N ASN E 162 16.96 -17.04 -36.86
CA ASN E 162 16.89 -18.45 -37.30
C ASN E 162 15.45 -18.91 -37.46
N SER E 163 14.64 -18.07 -38.12
CA SER E 163 13.25 -18.39 -38.46
C SER E 163 12.42 -18.65 -37.20
N GLY E 164 12.67 -17.89 -36.14
CA GLY E 164 11.95 -18.04 -34.90
C GLY E 164 12.41 -19.17 -34.03
N ALA E 165 13.43 -19.92 -34.43
CA ALA E 165 13.97 -21.00 -33.62
C ALA E 165 14.98 -20.51 -32.59
N LEU E 166 15.29 -19.21 -32.58
CA LEU E 166 16.24 -18.61 -31.63
C LEU E 166 15.53 -17.43 -30.97
N THR E 167 15.00 -17.65 -29.77
CA THR E 167 14.31 -16.62 -29.02
C THR E 167 14.94 -16.29 -27.68
N SER E 168 15.55 -17.25 -27.01
CA SER E 168 16.18 -16.99 -25.72
C SER E 168 17.41 -16.10 -25.91
N GLY E 169 17.52 -15.11 -25.03
CA GLY E 169 18.65 -14.19 -25.08
C GLY E 169 18.60 -13.16 -26.18
N VAL E 170 17.47 -13.02 -26.87
CA VAL E 170 17.34 -12.08 -27.98
C VAL E 170 16.82 -10.75 -27.43
N HIS E 171 17.46 -9.66 -27.84
CA HIS E 171 17.07 -8.31 -27.44
C HIS E 171 16.98 -7.44 -28.69
N THR E 172 15.77 -7.31 -29.23
CA THR E 172 15.51 -6.39 -30.34
C THR E 172 15.10 -5.05 -29.76
N PHE E 173 16.01 -4.08 -29.82
CA PHE E 173 15.82 -2.79 -29.15
C PHE E 173 14.78 -1.94 -29.89
N PRO E 174 14.09 -1.05 -29.18
CA PRO E 174 13.19 -0.12 -29.85
C PRO E 174 13.95 0.81 -30.78
N ALA E 175 13.29 1.20 -31.87
CA ALA E 175 13.92 2.05 -32.87
C ALA E 175 14.10 3.46 -32.33
N VAL E 176 15.13 4.15 -32.84
CA VAL E 176 15.40 5.54 -32.53
C VAL E 176 15.39 6.34 -33.83
N LEU E 177 14.63 7.44 -33.84
CA LEU E 177 14.59 8.30 -35.01
C LEU E 177 15.83 9.17 -35.05
N GLN E 178 16.50 9.20 -36.20
CA GLN E 178 17.76 9.90 -36.35
C GLN E 178 17.52 11.30 -36.90
N SER E 179 18.60 12.06 -37.03
CA SER E 179 18.50 13.42 -37.58
C SER E 179 18.04 13.40 -39.03
N SER E 180 18.49 12.40 -39.80
CA SER E 180 18.09 12.31 -41.20
C SER E 180 16.59 12.09 -41.35
N GLY E 181 15.96 11.40 -40.40
CA GLY E 181 14.56 11.06 -40.47
C GLY E 181 14.28 9.59 -40.66
N LEU E 182 15.30 8.74 -40.61
CA LEU E 182 15.15 7.30 -40.76
C LEU E 182 15.50 6.61 -39.46
N TYR E 183 14.80 5.53 -39.17
CA TYR E 183 15.01 4.79 -37.92
C TYR E 183 16.19 3.85 -38.04
N SER E 184 16.88 3.67 -36.92
CA SER E 184 17.98 2.71 -36.80
C SER E 184 17.70 1.80 -35.61
N LEU E 185 18.04 0.53 -35.76
CA LEU E 185 17.65 -0.47 -34.77
C LEU E 185 18.74 -1.53 -34.65
N SER E 186 18.89 -2.06 -33.44
CA SER E 186 19.80 -3.15 -33.15
C SER E 186 19.05 -4.32 -32.54
N SER E 187 19.39 -5.52 -32.98
CA SER E 187 18.88 -6.77 -32.40
C SER E 187 20.07 -7.65 -32.07
N VAL E 188 20.28 -7.90 -30.78
CA VAL E 188 21.43 -8.68 -30.32
C VAL E 188 20.91 -9.95 -29.64
N VAL E 189 21.79 -10.95 -29.59
CA VAL E 189 21.48 -12.22 -28.93
C VAL E 189 22.76 -12.72 -28.27
N THR E 190 22.61 -13.32 -27.09
CA THR E 190 23.73 -13.87 -26.34
C THR E 190 23.67 -15.39 -26.42
N VAL E 191 24.75 -16.00 -26.87
CA VAL E 191 24.81 -17.45 -27.09
C VAL E 191 26.06 -17.99 -26.42
N PRO E 192 26.11 -19.29 -26.15
CA PRO E 192 27.33 -19.87 -25.59
C PRO E 192 28.54 -19.61 -26.49
N SER E 193 29.66 -19.27 -25.85
CA SER E 193 30.88 -18.97 -26.59
C SER E 193 31.45 -20.19 -27.29
N SER E 194 31.09 -21.40 -26.85
CA SER E 194 31.57 -22.64 -27.43
C SER E 194 30.63 -23.19 -28.50
N SER E 195 29.90 -22.32 -29.19
CA SER E 195 29.02 -22.74 -30.27
C SER E 195 29.21 -21.93 -31.54
N LEU E 196 30.17 -20.99 -31.55
CA LEU E 196 30.34 -20.09 -32.68
C LEU E 196 30.81 -20.83 -33.93
N GLY E 197 31.71 -21.80 -33.77
CA GLY E 197 32.18 -22.55 -34.92
C GLY E 197 31.21 -23.60 -35.41
N THR E 198 30.33 -24.08 -34.54
CA THR E 198 29.38 -25.13 -34.87
C THR E 198 28.00 -24.60 -35.22
N GLN E 199 27.45 -23.71 -34.38
CA GLN E 199 26.11 -23.20 -34.58
C GLN E 199 26.13 -21.97 -35.49
N THR E 200 25.11 -21.86 -36.34
CA THR E 200 24.96 -20.75 -37.26
C THR E 200 23.81 -19.85 -36.81
N TYR E 201 24.01 -18.54 -36.90
CA TYR E 201 23.03 -17.56 -36.45
C TYR E 201 22.65 -16.66 -37.62
N ILE E 202 21.36 -16.60 -37.92
CA ILE E 202 20.82 -15.91 -39.08
C ILE E 202 19.81 -14.88 -38.62
N CYS E 203 19.82 -13.70 -39.24
CA CYS E 203 18.80 -12.70 -38.99
C CYS E 203 17.67 -12.85 -40.00
N ASN E 204 16.46 -12.47 -39.57
CA ASN E 204 15.26 -12.45 -40.41
C ASN E 204 14.67 -11.04 -40.27
N VAL E 205 15.17 -10.11 -41.07
CA VAL E 205 14.72 -8.72 -41.04
C VAL E 205 13.67 -8.53 -42.12
N ASN E 206 12.46 -8.17 -41.71
CA ASN E 206 11.34 -7.96 -42.62
C ASN E 206 10.78 -6.56 -42.44
N HIS E 207 10.45 -5.94 -43.57
CA HIS E 207 9.91 -4.58 -43.61
C HIS E 207 8.70 -4.60 -44.54
N LYS E 208 7.53 -4.78 -43.94
CA LYS E 208 6.26 -4.78 -44.68
C LYS E 208 6.08 -3.56 -45.57
N PRO E 209 6.28 -2.32 -45.10
CA PRO E 209 6.00 -1.15 -45.96
C PRO E 209 6.82 -1.09 -47.24
N SER E 210 7.99 -1.73 -47.27
CA SER E 210 8.84 -1.74 -48.45
C SER E 210 8.93 -3.11 -49.12
N ASN E 211 8.25 -4.13 -48.58
CA ASN E 211 8.34 -5.49 -49.09
C ASN E 211 9.80 -5.95 -49.17
N THR E 212 10.53 -5.73 -48.08
CA THR E 212 11.96 -6.01 -48.01
C THR E 212 12.19 -7.13 -47.00
N LYS E 213 12.55 -8.31 -47.51
CA LYS E 213 12.95 -9.44 -46.67
C LYS E 213 14.46 -9.63 -46.82
N VAL E 214 15.17 -9.59 -45.70
CA VAL E 214 16.62 -9.72 -45.69
C VAL E 214 17.01 -10.77 -44.67
N ASP E 215 17.84 -11.72 -45.09
CA ASP E 215 18.47 -12.68 -44.19
C ASP E 215 19.97 -12.44 -44.22
N LYS E 216 20.55 -12.13 -43.07
CA LYS E 216 21.98 -11.85 -42.94
C LYS E 216 22.62 -12.85 -42.00
N LYS E 217 23.67 -13.51 -42.48
CA LYS E 217 24.43 -14.42 -41.64
C LYS E 217 25.47 -13.65 -40.84
N VAL E 218 25.64 -14.04 -39.58
CA VAL E 218 26.57 -13.41 -38.67
C VAL E 218 27.48 -14.49 -38.11
N GLU E 219 28.73 -14.53 -38.58
CA GLU E 219 29.75 -15.41 -38.02
C GLU E 219 31.02 -14.61 -37.80
N PRO E 220 31.90 -15.07 -36.91
CA PRO E 220 33.11 -14.29 -36.59
C PRO E 220 34.02 -14.15 -37.80
N LYS E 221 34.76 -13.04 -37.82
CA LYS E 221 35.72 -12.75 -38.89
C LYS E 221 36.86 -13.75 -38.89
N THR F 1 -60.49 -1.05 -55.76
CA THR F 1 -59.71 -2.28 -55.73
C THR F 1 -58.29 -2.02 -55.23
N ASN F 2 -58.18 -1.25 -54.15
CA ASN F 2 -56.90 -1.03 -53.50
C ASN F 2 -56.57 -2.18 -52.55
N LEU F 3 -55.44 -2.84 -52.80
CA LEU F 3 -55.05 -4.02 -52.04
C LEU F 3 -54.16 -3.63 -50.87
N CYS F 4 -54.38 -4.27 -49.73
CA CYS F 4 -53.65 -3.92 -48.52
C CYS F 4 -52.18 -4.26 -48.67
N PRO F 5 -51.28 -3.38 -48.24
CA PRO F 5 -49.82 -3.57 -48.42
C PRO F 5 -49.22 -4.54 -47.41
N PHE F 6 -49.57 -5.82 -47.54
CA PHE F 6 -48.97 -6.84 -46.71
C PHE F 6 -47.54 -7.16 -47.12
N GLY F 7 -47.19 -6.93 -48.39
CA GLY F 7 -45.84 -7.21 -48.84
C GLY F 7 -44.80 -6.36 -48.15
N GLU F 8 -45.15 -5.12 -47.80
CA GLU F 8 -44.23 -4.25 -47.06
C GLU F 8 -43.92 -4.80 -45.68
N VAL F 9 -44.90 -5.48 -45.06
CA VAL F 9 -44.71 -5.98 -43.70
C VAL F 9 -44.01 -7.32 -43.71
N PHE F 10 -44.56 -8.30 -44.43
CA PHE F 10 -44.02 -9.65 -44.40
C PHE F 10 -42.69 -9.75 -45.13
N ASN F 11 -42.50 -8.99 -46.21
CA ASN F 11 -41.29 -9.06 -47.01
C ASN F 11 -40.37 -7.86 -46.79
N ALA F 12 -40.39 -7.29 -45.59
CA ALA F 12 -39.48 -6.20 -45.29
C ALA F 12 -38.04 -6.71 -45.22
N THR F 13 -37.11 -5.93 -45.76
CA THR F 13 -35.70 -6.31 -45.73
C THR F 13 -35.20 -6.39 -44.28
N ARG F 14 -35.57 -5.41 -43.47
CA ARG F 14 -35.18 -5.37 -42.06
C ARG F 14 -36.42 -5.45 -41.18
N PHE F 15 -36.30 -6.19 -40.09
CA PHE F 15 -37.33 -6.26 -39.05
C PHE F 15 -36.81 -5.55 -37.79
N ALA F 16 -37.75 -5.03 -37.02
CA ALA F 16 -37.38 -4.29 -35.82
C ALA F 16 -37.06 -5.23 -34.66
N SER F 17 -36.29 -4.72 -33.71
CA SER F 17 -36.07 -5.44 -32.47
C SER F 17 -37.38 -5.50 -31.67
N VAL F 18 -37.52 -6.55 -30.87
CA VAL F 18 -38.79 -6.78 -30.18
C VAL F 18 -39.09 -5.69 -29.18
N TYR F 19 -38.06 -5.14 -28.51
CA TYR F 19 -38.29 -4.04 -27.57
C TYR F 19 -38.78 -2.80 -28.28
N ALA F 20 -38.41 -2.62 -29.54
CA ALA F 20 -38.84 -1.50 -30.37
C ALA F 20 -39.70 -1.97 -31.52
N TRP F 21 -40.65 -2.85 -31.22
CA TRP F 21 -41.45 -3.50 -32.25
C TRP F 21 -42.19 -2.47 -33.09
N ASN F 22 -42.10 -2.65 -34.41
CA ASN F 22 -42.71 -1.71 -35.34
C ASN F 22 -44.20 -1.99 -35.49
N ARG F 23 -44.96 -0.92 -35.71
CA ARG F 23 -46.41 -1.02 -35.90
C ARG F 23 -46.77 -0.38 -37.23
N LYS F 24 -47.55 -1.10 -38.03
CA LYS F 24 -48.01 -0.63 -39.33
C LYS F 24 -49.53 -0.70 -39.36
N ARG F 25 -50.18 0.44 -39.61
CA ARG F 25 -51.63 0.49 -39.70
C ARG F 25 -52.09 0.24 -41.14
N ILE F 26 -53.17 -0.53 -41.25
CA ILE F 26 -53.71 -0.96 -42.53
C ILE F 26 -55.13 -0.43 -42.64
N SER F 27 -55.38 0.41 -43.64
CA SER F 27 -56.67 1.08 -43.74
C SER F 27 -57.02 1.32 -45.21
N ASN F 28 -58.32 1.37 -45.49
CA ASN F 28 -58.84 1.72 -46.81
C ASN F 28 -58.25 0.84 -47.91
N CYS F 29 -58.38 -0.47 -47.73
CA CYS F 29 -57.79 -1.40 -48.70
C CYS F 29 -58.49 -2.74 -48.59
N VAL F 30 -58.18 -3.61 -49.56
CA VAL F 30 -58.73 -4.95 -49.65
C VAL F 30 -57.64 -5.94 -49.25
N ALA F 31 -57.88 -6.69 -48.18
CA ALA F 31 -56.93 -7.69 -47.68
C ALA F 31 -57.54 -9.07 -47.85
N ASP F 32 -57.02 -9.83 -48.81
CA ASP F 32 -57.39 -11.23 -48.97
C ASP F 32 -56.40 -12.06 -48.15
N TYR F 33 -56.68 -12.14 -46.85
CA TYR F 33 -55.76 -12.82 -45.92
C TYR F 33 -55.61 -14.30 -46.23
N SER F 34 -56.53 -14.87 -47.03
CA SER F 34 -56.48 -16.31 -47.30
C SER F 34 -55.20 -16.70 -48.01
N VAL F 35 -54.61 -15.80 -48.80
CA VAL F 35 -53.34 -16.11 -49.45
C VAL F 35 -52.23 -16.27 -48.43
N LEU F 36 -52.27 -15.45 -47.36
CA LEU F 36 -51.28 -15.60 -46.29
C LEU F 36 -51.43 -16.92 -45.57
N TYR F 37 -52.67 -17.33 -45.29
CA TYR F 37 -52.88 -18.47 -44.40
C TYR F 37 -52.36 -19.77 -45.01
N ASN F 38 -52.81 -20.09 -46.22
CA ASN F 38 -52.39 -21.33 -46.87
C ASN F 38 -51.22 -21.05 -47.81
N SER F 39 -50.05 -20.85 -47.20
CA SER F 39 -48.80 -20.60 -47.92
C SER F 39 -47.66 -21.58 -47.64
N ALA F 40 -47.71 -22.36 -46.56
CA ALA F 40 -46.71 -23.35 -46.18
C ALA F 40 -45.36 -22.73 -45.82
N SER F 41 -45.27 -21.39 -45.76
CA SER F 41 -44.04 -20.72 -45.38
C SER F 41 -44.01 -20.35 -43.90
N PHE F 42 -45.14 -20.35 -43.23
CA PHE F 42 -45.24 -19.92 -41.84
C PHE F 42 -45.26 -21.13 -40.92
N SER F 43 -44.30 -21.18 -39.99
CA SER F 43 -44.29 -22.26 -39.01
C SER F 43 -45.38 -22.06 -37.96
N THR F 44 -45.78 -20.82 -37.71
CA THR F 44 -46.82 -20.51 -36.74
C THR F 44 -47.87 -19.64 -37.41
N PHE F 45 -49.13 -20.05 -37.32
CA PHE F 45 -50.26 -19.22 -37.78
C PHE F 45 -51.43 -19.55 -36.84
N LYS F 46 -51.58 -18.74 -35.80
CA LYS F 46 -52.62 -18.93 -34.80
C LYS F 46 -53.48 -17.67 -34.74
N CYS F 47 -54.80 -17.86 -34.83
CA CYS F 47 -55.75 -16.77 -34.74
C CYS F 47 -56.61 -16.93 -33.49
N TYR F 48 -56.95 -15.82 -32.86
CA TYR F 48 -57.70 -15.81 -31.62
C TYR F 48 -58.97 -14.98 -31.79
N GLY F 49 -60.08 -15.50 -31.29
CA GLY F 49 -61.36 -14.85 -31.49
C GLY F 49 -61.92 -15.10 -32.88
N VAL F 50 -61.25 -14.54 -33.89
CA VAL F 50 -61.60 -14.84 -35.27
C VAL F 50 -60.99 -16.19 -35.67
N SER F 51 -61.51 -16.75 -36.76
CA SER F 51 -61.03 -18.02 -37.28
C SER F 51 -60.20 -17.77 -38.52
N PRO F 52 -59.01 -18.36 -38.64
CA PRO F 52 -58.17 -18.10 -39.82
C PRO F 52 -58.83 -18.47 -41.12
N THR F 53 -59.70 -19.48 -41.11
CA THR F 53 -60.42 -19.90 -42.30
C THR F 53 -61.73 -19.13 -42.40
N LYS F 54 -62.09 -18.77 -43.63
CA LYS F 54 -63.27 -17.93 -43.89
C LYS F 54 -63.16 -16.63 -43.09
N LEU F 55 -61.95 -16.08 -43.07
CA LEU F 55 -61.64 -14.89 -42.29
C LEU F 55 -61.71 -13.61 -43.11
N ASN F 56 -61.59 -13.71 -44.43
CA ASN F 56 -61.70 -12.55 -45.32
C ASN F 56 -63.13 -12.28 -45.77
N ASP F 57 -64.13 -12.70 -44.99
CA ASP F 57 -65.51 -12.25 -45.17
C ASP F 57 -65.96 -11.34 -44.03
N LEU F 58 -65.03 -10.66 -43.38
CA LEU F 58 -65.34 -9.74 -42.30
C LEU F 58 -64.79 -8.36 -42.61
N CYS F 59 -65.42 -7.36 -42.01
CA CYS F 59 -65.04 -5.97 -42.19
C CYS F 59 -64.57 -5.40 -40.85
N PHE F 60 -63.41 -4.76 -40.86
CA PHE F 60 -62.86 -4.10 -39.69
C PHE F 60 -62.55 -2.65 -40.05
N THR F 61 -62.42 -1.81 -39.02
CA THR F 61 -62.11 -0.41 -39.25
C THR F 61 -60.62 -0.22 -39.55
N ASN F 62 -59.76 -0.80 -38.72
CA ASN F 62 -58.32 -0.71 -38.91
C ASN F 62 -57.67 -2.03 -38.53
N VAL F 63 -56.56 -2.34 -39.20
CA VAL F 63 -55.77 -3.53 -38.91
C VAL F 63 -54.36 -3.09 -38.58
N TYR F 64 -53.84 -3.56 -37.44
CA TYR F 64 -52.49 -3.26 -36.99
C TYR F 64 -51.57 -4.44 -37.31
N ALA F 65 -50.42 -4.16 -37.91
CA ALA F 65 -49.45 -5.18 -38.27
C ALA F 65 -48.16 -4.92 -37.48
N ASP F 66 -48.01 -5.62 -36.36
CA ASP F 66 -46.82 -5.50 -35.53
C ASP F 66 -45.81 -6.56 -35.94
N SER F 67 -44.56 -6.14 -36.15
CA SER F 67 -43.51 -7.03 -36.61
C SER F 67 -42.26 -6.84 -35.76
N PHE F 68 -41.56 -7.94 -35.50
CA PHE F 68 -40.34 -7.95 -34.71
C PHE F 68 -39.66 -9.31 -34.89
N VAL F 69 -38.50 -9.46 -34.24
CA VAL F 69 -37.72 -10.69 -34.32
C VAL F 69 -37.43 -11.17 -32.90
N ILE F 70 -37.75 -12.43 -32.63
CA ILE F 70 -37.42 -13.11 -31.38
C ILE F 70 -36.83 -14.47 -31.74
N ARG F 71 -36.37 -15.19 -30.71
CA ARG F 71 -35.78 -16.49 -30.96
C ARG F 71 -36.86 -17.56 -30.92
N GLY F 72 -36.49 -18.77 -31.35
CA GLY F 72 -37.47 -19.82 -31.56
C GLY F 72 -38.25 -20.18 -30.31
N ASP F 73 -37.57 -20.29 -29.18
CA ASP F 73 -38.21 -20.70 -27.93
C ASP F 73 -38.98 -19.58 -27.24
N GLU F 74 -39.15 -18.44 -27.89
CA GLU F 74 -39.95 -17.34 -27.35
C GLU F 74 -41.20 -17.06 -28.16
N VAL F 75 -41.43 -17.79 -29.26
CA VAL F 75 -42.60 -17.56 -30.09
C VAL F 75 -43.88 -17.87 -29.33
N ARG F 76 -43.84 -18.89 -28.46
CA ARG F 76 -45.02 -19.25 -27.68
C ARG F 76 -45.46 -18.13 -26.74
N GLN F 77 -44.57 -17.18 -26.44
CA GLN F 77 -44.94 -16.06 -25.58
C GLN F 77 -45.79 -15.02 -26.30
N ILE F 78 -45.85 -15.06 -27.63
CA ILE F 78 -46.69 -14.12 -28.39
C ILE F 78 -48.06 -14.77 -28.48
N ALA F 79 -48.84 -14.60 -27.41
CA ALA F 79 -50.16 -15.19 -27.28
C ALA F 79 -50.83 -14.61 -26.04
N PRO F 80 -52.16 -14.58 -25.98
CA PRO F 80 -52.83 -14.06 -24.77
C PRO F 80 -52.49 -14.88 -23.53
N GLY F 81 -52.33 -14.19 -22.41
CA GLY F 81 -52.13 -14.86 -21.14
C GLY F 81 -50.80 -15.56 -20.98
N GLN F 82 -49.76 -15.13 -21.68
CA GLN F 82 -48.44 -15.73 -21.60
C GLN F 82 -47.50 -14.88 -20.76
N THR F 83 -46.50 -15.54 -20.17
CA THR F 83 -45.49 -14.88 -19.36
C THR F 83 -44.11 -15.20 -19.90
N GLY F 84 -43.14 -14.40 -19.49
CA GLY F 84 -41.77 -14.56 -19.95
C GLY F 84 -41.10 -13.22 -20.22
N LYS F 85 -39.82 -13.25 -20.58
CA LYS F 85 -39.09 -12.01 -20.80
C LYS F 85 -39.72 -11.18 -21.92
N ILE F 86 -40.10 -11.84 -23.02
CA ILE F 86 -40.70 -11.11 -24.14
C ILE F 86 -42.09 -10.60 -23.76
N ALA F 87 -42.91 -11.46 -23.17
CA ALA F 87 -44.28 -11.08 -22.84
C ALA F 87 -44.31 -10.00 -21.76
N ASP F 88 -43.49 -10.16 -20.72
CA ASP F 88 -43.54 -9.21 -19.61
C ASP F 88 -42.89 -7.88 -19.97
N TYR F 89 -41.78 -7.91 -20.70
CA TYR F 89 -40.93 -6.74 -20.84
C TYR F 89 -40.77 -6.21 -22.26
N ASN F 90 -41.15 -6.98 -23.28
CA ASN F 90 -40.91 -6.56 -24.66
C ASN F 90 -42.19 -6.35 -25.45
N TYR F 91 -43.07 -7.34 -25.50
CA TYR F 91 -44.30 -7.24 -26.29
C TYR F 91 -45.38 -8.06 -25.60
N LYS F 92 -46.46 -7.39 -25.20
CA LYS F 92 -47.54 -8.01 -24.44
C LYS F 92 -48.83 -7.96 -25.22
N LEU F 93 -49.48 -9.12 -25.35
CA LEU F 93 -50.80 -9.22 -25.96
C LEU F 93 -51.88 -9.25 -24.87
N PRO F 94 -53.03 -8.64 -25.13
CA PRO F 94 -54.09 -8.64 -24.12
C PRO F 94 -54.75 -10.01 -24.00
N ASP F 95 -55.43 -10.21 -22.87
CA ASP F 95 -56.14 -11.47 -22.66
C ASP F 95 -57.26 -11.66 -23.67
N ASP F 96 -57.96 -10.58 -24.01
CA ASP F 96 -59.06 -10.61 -24.97
C ASP F 96 -58.58 -10.32 -26.40
N PHE F 97 -57.34 -10.65 -26.72
CA PHE F 97 -56.79 -10.34 -28.04
C PHE F 97 -57.59 -11.04 -29.13
N THR F 98 -57.96 -10.28 -30.16
CA THR F 98 -58.65 -10.80 -31.34
C THR F 98 -57.77 -10.52 -32.56
N GLY F 99 -57.17 -11.56 -33.10
CA GLY F 99 -56.28 -11.41 -34.23
C GLY F 99 -55.48 -12.68 -34.46
N CYS F 100 -54.46 -12.55 -35.29
CA CYS F 100 -53.63 -13.69 -35.69
C CYS F 100 -52.17 -13.40 -35.43
N VAL F 101 -51.46 -14.42 -34.95
CA VAL F 101 -50.02 -14.35 -34.73
C VAL F 101 -49.34 -15.25 -35.75
N ILE F 102 -48.44 -14.67 -36.55
CA ILE F 102 -47.78 -15.37 -37.64
C ILE F 102 -46.28 -15.27 -37.44
N ALA F 103 -45.59 -16.41 -37.55
CA ALA F 103 -44.15 -16.45 -37.37
C ALA F 103 -43.54 -17.46 -38.34
N TRP F 104 -42.27 -17.23 -38.68
CA TRP F 104 -41.53 -18.15 -39.53
C TRP F 104 -40.04 -18.02 -39.23
N ASN F 105 -39.31 -19.11 -39.44
CA ASN F 105 -37.89 -19.12 -39.20
C ASN F 105 -37.16 -18.20 -40.17
N SER F 106 -36.23 -17.41 -39.64
CA SER F 106 -35.46 -16.45 -40.42
C SER F 106 -33.97 -16.60 -40.17
N ASN F 107 -33.52 -17.85 -39.97
CA ASN F 107 -32.09 -18.09 -39.75
C ASN F 107 -31.28 -17.74 -40.98
N ASN F 108 -31.87 -17.83 -42.17
CA ASN F 108 -31.14 -17.55 -43.40
C ASN F 108 -30.88 -16.06 -43.60
N LEU F 109 -31.62 -15.20 -42.90
CA LEU F 109 -31.52 -13.75 -43.08
C LEU F 109 -30.97 -13.01 -41.87
N ASP F 110 -31.41 -13.38 -40.67
CA ASP F 110 -31.06 -12.63 -39.46
C ASP F 110 -29.90 -13.23 -38.69
N SER F 111 -29.23 -14.23 -39.24
CA SER F 111 -28.04 -14.82 -38.62
C SER F 111 -26.79 -14.32 -39.31
N LYS F 112 -25.70 -14.28 -38.53
CA LYS F 112 -24.41 -13.80 -39.03
C LYS F 112 -23.30 -14.64 -38.41
N VAL F 113 -22.29 -14.95 -39.21
CA VAL F 113 -21.16 -15.72 -38.70
C VAL F 113 -20.41 -14.87 -37.69
N GLY F 114 -20.25 -15.40 -36.47
CA GLY F 114 -19.72 -14.64 -35.36
C GLY F 114 -20.77 -13.96 -34.52
N GLY F 115 -22.03 -13.98 -34.93
CA GLY F 115 -23.11 -13.41 -34.15
C GLY F 115 -23.64 -12.13 -34.76
N ASN F 116 -24.97 -12.02 -34.83
CA ASN F 116 -25.64 -10.80 -35.27
C ASN F 116 -26.19 -10.11 -34.03
N TYR F 117 -25.49 -9.06 -33.58
CA TYR F 117 -25.83 -8.36 -32.36
C TYR F 117 -26.67 -7.10 -32.62
N ASN F 118 -27.32 -7.02 -33.78
CA ASN F 118 -28.21 -5.91 -34.07
C ASN F 118 -29.63 -6.13 -33.57
N TYR F 119 -30.01 -7.39 -33.29
CA TYR F 119 -31.29 -7.71 -32.70
C TYR F 119 -31.11 -7.89 -31.19
N LEU F 120 -31.98 -7.27 -30.41
CA LEU F 120 -31.78 -7.23 -28.97
C LEU F 120 -33.09 -6.93 -28.27
N TYR F 121 -33.23 -7.44 -27.04
CA TYR F 121 -34.47 -7.45 -26.30
C TYR F 121 -34.27 -6.88 -24.91
N ARG F 122 -35.38 -6.43 -24.31
CA ARG F 122 -35.34 -5.87 -22.96
C ARG F 122 -35.24 -7.00 -21.95
N LEU F 123 -34.22 -6.96 -21.10
CA LEU F 123 -33.98 -7.99 -20.10
C LEU F 123 -34.39 -7.57 -18.69
N PHE F 124 -34.36 -6.28 -18.39
CA PHE F 124 -34.67 -5.77 -17.05
C PHE F 124 -35.71 -4.67 -17.14
N ARG F 125 -36.75 -4.78 -16.31
CA ARG F 125 -37.77 -3.75 -16.21
C ARG F 125 -38.38 -3.80 -14.82
N LYS F 126 -38.66 -2.62 -14.25
CA LYS F 126 -39.20 -2.55 -12.90
C LYS F 126 -40.56 -3.23 -12.81
N SER F 127 -41.44 -3.00 -13.79
N SER F 127 -41.44 -3.00 -13.79
CA SER F 127 -42.77 -3.57 -13.80
CA SER F 127 -42.77 -3.57 -13.80
C SER F 127 -43.07 -4.13 -15.18
C SER F 127 -43.07 -4.13 -15.18
N ASN F 128 -44.09 -4.99 -15.24
CA ASN F 128 -44.48 -5.63 -16.49
C ASN F 128 -45.11 -4.62 -17.45
N LEU F 129 -45.10 -4.98 -18.73
CA LEU F 129 -45.69 -4.14 -19.76
C LEU F 129 -47.21 -4.29 -19.79
N LYS F 130 -47.89 -3.17 -20.05
CA LYS F 130 -49.30 -3.23 -20.40
C LYS F 130 -49.44 -3.79 -21.82
N PRO F 131 -50.62 -4.30 -22.16
CA PRO F 131 -50.83 -4.79 -23.53
C PRO F 131 -50.56 -3.70 -24.56
N PHE F 132 -49.86 -4.08 -25.63
CA PHE F 132 -49.50 -3.18 -26.73
C PHE F 132 -48.69 -1.97 -26.26
N GLU F 133 -47.90 -2.14 -25.19
CA GLU F 133 -47.02 -1.09 -24.73
C GLU F 133 -45.64 -1.27 -25.36
N ARG F 134 -45.00 -0.14 -25.68
CA ARG F 134 -43.72 -0.13 -26.37
C ARG F 134 -42.73 0.71 -25.55
N ASP F 135 -41.74 0.04 -24.96
CA ASP F 135 -40.73 0.70 -24.13
C ASP F 135 -39.43 0.75 -24.91
N ILE F 136 -38.92 1.96 -25.12
CA ILE F 136 -37.69 2.19 -25.86
C ILE F 136 -36.59 2.80 -24.99
N SER F 137 -36.83 2.89 -23.69
CA SER F 137 -35.87 3.54 -22.80
C SER F 137 -34.57 2.76 -22.72
N THR F 138 -33.45 3.49 -22.72
CA THR F 138 -32.12 2.91 -22.55
C THR F 138 -31.50 3.30 -21.22
N GLU F 139 -32.31 3.74 -20.27
CA GLU F 139 -31.81 4.14 -18.96
C GLU F 139 -31.30 2.93 -18.20
N ILE F 140 -30.18 3.12 -17.49
CA ILE F 140 -29.55 2.02 -16.75
C ILE F 140 -30.49 1.54 -15.65
N TYR F 141 -30.63 0.23 -15.53
CA TYR F 141 -31.57 -0.38 -14.60
C TYR F 141 -30.87 -0.58 -13.25
N GLN F 142 -31.42 0.02 -12.20
CA GLN F 142 -30.86 -0.11 -10.87
C GLN F 142 -31.39 -1.39 -10.23
N ALA F 143 -30.50 -2.38 -10.07
CA ALA F 143 -30.88 -3.65 -9.45
C ALA F 143 -30.51 -3.73 -7.97
N GLY F 144 -29.83 -2.72 -7.43
CA GLY F 144 -29.46 -2.73 -6.04
C GLY F 144 -29.87 -1.48 -5.30
N SER F 145 -29.38 -1.30 -4.07
CA SER F 145 -29.72 -0.12 -3.29
CA SER F 145 -29.72 -0.12 -3.29
C SER F 145 -28.99 1.13 -3.78
N THR F 146 -27.77 0.98 -4.28
CA THR F 146 -27.00 2.13 -4.72
C THR F 146 -27.52 2.68 -6.04
N PRO F 147 -27.48 3.99 -6.26
CA PRO F 147 -27.86 4.54 -7.55
C PRO F 147 -26.78 4.28 -8.59
N CYS F 148 -27.20 4.34 -9.87
CA CYS F 148 -26.28 4.08 -10.97
C CYS F 148 -25.66 5.34 -11.55
N ASN F 149 -26.35 6.48 -11.44
CA ASN F 149 -25.86 7.75 -11.96
C ASN F 149 -25.58 7.68 -13.46
N GLY F 150 -26.37 6.88 -14.18
CA GLY F 150 -26.26 6.79 -15.63
C GLY F 150 -25.18 5.89 -16.15
N VAL F 151 -24.43 5.20 -15.29
CA VAL F 151 -23.31 4.36 -15.69
C VAL F 151 -23.59 2.92 -15.30
N GLU F 152 -23.50 2.02 -16.27
CA GLU F 152 -23.62 0.59 -16.03
C GLU F 152 -22.45 0.08 -15.19
N GLY F 153 -22.73 -0.93 -14.36
CA GLY F 153 -21.72 -1.50 -13.49
C GLY F 153 -22.28 -2.55 -12.54
N PHE F 154 -21.81 -2.56 -11.30
CA PHE F 154 -22.28 -3.52 -10.31
C PHE F 154 -23.70 -3.18 -9.87
N ASN F 155 -24.60 -4.17 -9.95
CA ASN F 155 -26.03 -3.97 -9.83
C ASN F 155 -26.53 -2.76 -10.61
N CYS F 156 -25.98 -2.56 -11.80
CA CYS F 156 -26.42 -1.49 -12.70
C CYS F 156 -26.27 -2.02 -14.12
N TYR F 157 -27.36 -2.53 -14.68
CA TYR F 157 -27.34 -3.25 -15.94
C TYR F 157 -27.97 -2.42 -17.03
N PHE F 158 -27.41 -2.52 -18.24
CA PHE F 158 -28.06 -1.94 -19.40
C PHE F 158 -29.35 -2.72 -19.68
N PRO F 159 -30.49 -2.05 -19.85
CA PRO F 159 -31.77 -2.77 -19.95
C PRO F 159 -31.86 -3.73 -21.12
N LEU F 160 -31.09 -3.51 -22.18
CA LEU F 160 -31.22 -4.26 -23.42
C LEU F 160 -30.09 -5.27 -23.57
N GLN F 161 -30.44 -6.48 -23.98
CA GLN F 161 -29.49 -7.56 -24.17
C GLN F 161 -29.59 -8.09 -25.60
N SER F 162 -28.44 -8.33 -26.22
CA SER F 162 -28.41 -8.73 -27.61
C SER F 162 -28.66 -10.22 -27.78
N TYR F 163 -29.32 -10.58 -28.88
CA TYR F 163 -29.56 -11.98 -29.17
C TYR F 163 -28.30 -12.68 -29.66
N GLY F 164 -27.52 -12.02 -30.51
CA GLY F 164 -26.30 -12.59 -31.05
C GLY F 164 -26.54 -13.85 -31.88
N PHE F 165 -27.44 -13.76 -32.85
CA PHE F 165 -27.82 -14.93 -33.63
C PHE F 165 -26.64 -15.45 -34.44
N GLN F 166 -26.30 -16.73 -34.24
CA GLN F 166 -25.33 -17.44 -35.04
C GLN F 166 -26.03 -18.50 -35.90
N PRO F 167 -25.58 -18.73 -37.12
CA PRO F 167 -26.24 -19.73 -37.98
C PRO F 167 -26.19 -21.14 -37.42
N THR F 168 -25.22 -21.45 -36.56
CA THR F 168 -25.09 -22.78 -35.98
C THR F 168 -25.82 -22.92 -34.65
N ASN F 169 -26.64 -21.94 -34.29
CA ASN F 169 -27.41 -22.02 -33.06
C ASN F 169 -28.48 -23.11 -33.16
N GLY F 170 -28.89 -23.63 -32.00
CA GLY F 170 -30.03 -24.51 -31.95
C GLY F 170 -31.31 -23.79 -32.35
N VAL F 171 -32.30 -24.58 -32.75
CA VAL F 171 -33.52 -24.00 -33.32
C VAL F 171 -34.25 -23.16 -32.29
N GLY F 172 -34.10 -23.48 -31.00
CA GLY F 172 -34.66 -22.64 -29.96
C GLY F 172 -33.91 -21.35 -29.73
N TYR F 173 -32.74 -21.21 -30.36
CA TYR F 173 -31.95 -19.99 -30.27
C TYR F 173 -31.84 -19.29 -31.61
N GLN F 174 -32.35 -19.90 -32.67
CA GLN F 174 -32.38 -19.31 -34.00
C GLN F 174 -33.41 -18.18 -34.05
N PRO F 175 -33.23 -17.21 -34.95
CA PRO F 175 -34.18 -16.10 -35.04
C PRO F 175 -35.45 -16.48 -35.78
N TYR F 176 -36.55 -15.87 -35.36
CA TYR F 176 -37.85 -16.02 -36.01
C TYR F 176 -38.48 -14.65 -36.20
N ARG F 177 -39.00 -14.40 -37.40
CA ARG F 177 -39.70 -13.16 -37.71
C ARG F 177 -41.19 -13.34 -37.43
N VAL F 178 -41.77 -12.40 -36.69
CA VAL F 178 -43.13 -12.51 -36.19
C VAL F 178 -43.95 -11.34 -36.69
N VAL F 179 -45.16 -11.62 -37.16
CA VAL F 179 -46.13 -10.59 -37.55
C VAL F 179 -47.41 -10.82 -36.76
N VAL F 180 -47.86 -9.80 -36.04
CA VAL F 180 -49.08 -9.88 -35.25
C VAL F 180 -50.11 -8.97 -35.89
N LEU F 181 -51.23 -9.55 -36.30
CA LEU F 181 -52.33 -8.82 -36.92
C LEU F 181 -53.41 -8.56 -35.87
N SER F 182 -53.68 -7.29 -35.60
CA SER F 182 -54.71 -6.89 -34.64
C SER F 182 -55.89 -6.32 -35.42
N PHE F 183 -57.07 -6.89 -35.19
CA PHE F 183 -58.29 -6.48 -35.89
C PHE F 183 -59.08 -5.57 -34.95
N GLU F 184 -59.05 -4.27 -35.22
CA GLU F 184 -59.73 -3.27 -34.42
C GLU F 184 -60.95 -2.77 -35.19
N LEU F 185 -62.12 -2.92 -34.58
CA LEU F 185 -63.38 -2.49 -35.19
C LEU F 185 -63.87 -1.24 -34.47
N LEU F 186 -63.39 -0.09 -34.94
CA LEU F 186 -63.85 1.18 -34.43
C LEU F 186 -65.24 1.52 -34.98
N HIS F 187 -65.76 2.67 -34.56
CA HIS F 187 -67.11 3.07 -34.96
C HIS F 187 -67.17 3.47 -36.43
N ALA F 188 -66.09 4.01 -36.98
CA ALA F 188 -66.10 4.48 -38.36
C ALA F 188 -66.44 3.33 -39.30
N PRO F 189 -67.18 3.60 -40.39
CA PRO F 189 -67.52 2.53 -41.34
C PRO F 189 -66.30 1.73 -41.76
N ALA F 190 -66.37 0.41 -41.55
CA ALA F 190 -65.19 -0.44 -41.67
C ALA F 190 -64.47 -0.24 -43.00
N THR F 191 -63.18 0.08 -42.92
CA THR F 191 -62.39 0.45 -44.08
C THR F 191 -61.55 -0.70 -44.64
N VAL F 192 -61.39 -1.78 -43.89
CA VAL F 192 -60.64 -2.96 -44.35
C VAL F 192 -61.58 -4.15 -44.29
N CYS F 193 -62.22 -4.45 -45.42
CA CYS F 193 -63.07 -5.63 -45.57
C CYS F 193 -62.31 -6.79 -46.22
N GLY F 194 -61.75 -6.56 -47.40
CA GLY F 194 -60.92 -7.54 -48.05
C GLY F 194 -61.66 -8.78 -48.51
N PRO F 195 -62.50 -8.65 -49.54
CA PRO F 195 -63.24 -9.78 -50.12
C PRO F 195 -62.33 -10.95 -50.49
C1 NAG G . 41.70 -3.56 54.16
C2 NAG G . 43.18 -3.84 54.39
C3 NAG G . 43.38 -4.64 55.67
C4 NAG G . 42.71 -3.95 56.85
C5 NAG G . 41.24 -3.70 56.52
C6 NAG G . 40.52 -2.92 57.61
C7 NAG G . 45.01 -4.30 52.82
C8 NAG G . 45.45 -5.11 51.63
N2 NAG G . 43.76 -4.53 53.25
O3 NAG G . 44.78 -4.77 55.93
O4 NAG G . 42.79 -4.78 58.00
O5 NAG G . 41.13 -2.92 55.32
O6 NAG G . 40.78 -1.53 57.50
O7 NAG G . 45.75 -3.49 53.36
C1 NAG H . -43.47 -11.95 -50.33
C2 NAG H . -44.98 -11.91 -50.53
C3 NAG H . -45.48 -13.23 -51.09
C4 NAG H . -44.70 -13.62 -52.34
C5 NAG H . -43.21 -13.60 -52.06
C6 NAG H . -42.37 -13.86 -53.28
C7 NAG H . -46.77 -10.82 -49.24
C8 NAG H . -47.34 -10.59 -47.88
N2 NAG H . -45.67 -11.58 -49.28
O3 NAG H . -46.87 -13.13 -51.39
O4 NAG H . -45.09 -14.91 -52.78
O5 NAG H . -42.82 -12.31 -51.55
O6 NAG H . -42.23 -12.69 -54.08
O7 NAG H . -47.29 -10.36 -50.26
#